data_3IC2
#
_entry.id   3IC2
#
_cell.length_a   92.000
_cell.length_b   92.000
_cell.length_c   144.130
_cell.angle_alpha   90.00
_cell.angle_beta   90.00
_cell.angle_gamma   120.00
#
_symmetry.space_group_name_H-M   'P 32 2 1'
#
loop_
_entity.id
_entity.type
_entity.pdbx_description
1 polymer 'Hemoglobin subunit alpha'
2 polymer 'Hemoglobin subunit beta'
3 non-polymer 'OXYGEN MOLECULE'
4 non-polymer 'PROTOPORPHYRIN IX CONTAINING FE'
5 non-polymer 4-[(5-methoxy-2-methylphenoxy)methyl]pyridine
6 non-polymer 'SULFATE ION'
7 water water
#
loop_
_entity_poly.entity_id
_entity_poly.type
_entity_poly.pdbx_seq_one_letter_code
_entity_poly.pdbx_strand_id
1 'polypeptide(L)'
;VLSPADKTNVKAAWGKVGAHAGEYGAEALERMFLSFPTTKTYFPHFDLSHGSAQVKGHGKKVADALTNAVAHVDDMPNAL
SALSDLHAHKLRVDPVNFKLLSHCLLVTLAAHLPAEFTPAVHASLDKFLASVSTVLTSKYR
;
A,C
2 'polypeptide(L)'
;VHLTPEEKSAVTALWGKVNVDEVGGEALGRLLVVYPWTQRFFESFGDLSTPDAVMGNPKVKAHGKKVLGAFSDGLAHLDN
LKGTFATLSELHCDKLHVDPENFRLLGNVLVCVLAHHFGKEFTPPVQAAYQKVVAGVANALAHKYH
;
B,D
#
loop_
_chem_comp.id
_chem_comp.type
_chem_comp.name
_chem_comp.formula
B78 non-polymer 4-[(5-methoxy-2-methylphenoxy)methyl]pyridine 'C14 H15 N O2'
HEM non-polymer 'PROTOPORPHYRIN IX CONTAINING FE' 'C34 H32 Fe N4 O4'
OXY non-polymer 'OXYGEN MOLECULE' O2
SO4 non-polymer 'SULFATE ION' 'O4 S -2'
#
# COMPACT_ATOMS: atom_id res chain seq x y z
N VAL A 1 8.22 6.74 10.59
CA VAL A 1 9.12 7.21 11.65
C VAL A 1 10.46 7.69 11.09
N LEU A 2 10.69 8.99 11.18
CA LEU A 2 11.91 9.60 10.66
C LEU A 2 13.10 9.49 11.60
N SER A 3 14.28 9.28 11.01
CA SER A 3 15.52 9.19 11.76
C SER A 3 16.03 10.62 11.92
N PRO A 4 17.00 10.83 12.82
CA PRO A 4 17.53 12.18 13.00
C PRO A 4 18.13 12.66 11.68
N ALA A 5 18.66 11.72 10.91
CA ALA A 5 19.26 12.06 9.63
C ALA A 5 18.20 12.47 8.61
N ASP A 6 17.01 11.85 8.67
CA ASP A 6 15.92 12.17 7.75
C ASP A 6 15.50 13.61 7.94
N LYS A 7 15.39 14.02 9.20
CA LYS A 7 15.01 15.38 9.52
C LYS A 7 16.10 16.32 9.01
N THR A 8 17.35 15.87 9.11
CA THR A 8 18.47 16.68 8.65
C THR A 8 18.38 16.85 7.15
N ASN A 9 18.18 15.75 6.44
CA ASN A 9 18.07 15.80 4.99
C ASN A 9 16.85 16.59 4.52
N VAL A 10 15.71 16.36 5.15
CA VAL A 10 14.49 17.03 4.76
C VAL A 10 14.52 18.54 4.99
N LYS A 11 15.01 18.96 6.15
CA LYS A 11 15.06 20.39 6.45
C LYS A 11 16.04 21.07 5.50
N ALA A 12 17.12 20.37 5.15
CA ALA A 12 18.13 20.92 4.27
C ALA A 12 17.58 21.05 2.84
N ALA A 13 17.04 19.95 2.32
CA ALA A 13 16.49 19.94 0.96
C ALA A 13 15.28 20.86 0.80
N TRP A 14 14.41 20.89 1.81
CA TRP A 14 13.24 21.74 1.70
C TRP A 14 13.60 23.22 1.82
N GLY A 15 14.63 23.51 2.60
CA GLY A 15 15.05 24.89 2.77
C GLY A 15 15.54 25.51 1.47
N LYS A 16 15.99 24.67 0.53
CA LYS A 16 16.47 25.18 -0.73
C LYS A 16 15.32 25.49 -1.67
N VAL A 17 14.13 25.05 -1.29
CA VAL A 17 12.96 25.32 -2.10
C VAL A 17 12.60 26.77 -1.81
N GLY A 18 12.59 27.11 -0.53
CA GLY A 18 12.28 28.47 -0.13
C GLY A 18 11.18 29.14 -0.91
N ALA A 19 11.45 30.35 -1.38
CA ALA A 19 10.49 31.14 -2.14
C ALA A 19 9.93 30.44 -3.37
N HIS A 20 10.51 29.29 -3.72
CA HIS A 20 10.03 28.52 -4.88
C HIS A 20 8.80 27.69 -4.48
N ALA A 21 8.60 27.53 -3.18
CA ALA A 21 7.49 26.73 -2.65
C ALA A 21 6.19 26.79 -3.43
N GLY A 22 5.63 27.97 -3.59
CA GLY A 22 4.38 28.10 -4.31
C GLY A 22 4.43 27.54 -5.70
N GLU A 23 5.46 27.93 -6.44
CA GLU A 23 5.63 27.47 -7.81
C GLU A 23 5.71 25.93 -7.82
N TYR A 24 6.70 25.39 -7.12
CA TYR A 24 6.90 23.95 -7.08
C TYR A 24 5.64 23.16 -6.68
N GLY A 25 4.92 23.65 -5.67
CA GLY A 25 3.70 22.97 -5.26
C GLY A 25 2.71 22.92 -6.41
N ALA A 26 2.64 24.01 -7.17
CA ALA A 26 1.74 24.11 -8.31
C ALA A 26 2.17 23.13 -9.39
N GLU A 27 3.48 23.00 -9.59
CA GLU A 27 3.96 22.08 -10.61
C GLU A 27 3.64 20.65 -10.22
N ALA A 28 3.80 20.32 -8.94
CA ALA A 28 3.52 18.97 -8.48
C ALA A 28 2.04 18.66 -8.72
N LEU A 29 1.16 19.57 -8.30
CA LEU A 29 -0.27 19.36 -8.49
C LEU A 29 -0.55 19.10 -9.96
N GLU A 30 -0.02 19.95 -10.83
CA GLU A 30 -0.25 19.79 -12.25
C GLU A 30 0.26 18.45 -12.74
N ARG A 31 1.46 18.06 -12.31
CA ARG A 31 2.01 16.78 -12.74
C ARG A 31 1.06 15.69 -12.32
N MET A 32 0.57 15.78 -11.09
CA MET A 32 -0.35 14.78 -10.58
C MET A 32 -1.59 14.74 -11.48
N PHE A 33 -2.20 15.91 -11.69
CA PHE A 33 -3.40 15.99 -12.50
C PHE A 33 -3.28 15.40 -13.90
N LEU A 34 -2.13 15.58 -14.53
CA LEU A 34 -1.94 15.04 -15.87
C LEU A 34 -1.58 13.56 -15.88
N SER A 35 -0.71 13.16 -14.96
CA SER A 35 -0.28 11.77 -14.90
C SER A 35 -1.33 10.83 -14.31
N PHE A 36 -2.16 11.33 -13.40
CA PHE A 36 -3.19 10.51 -12.76
C PHE A 36 -4.49 11.28 -12.75
N PRO A 37 -5.21 11.28 -13.88
CA PRO A 37 -6.50 11.98 -14.05
C PRO A 37 -7.48 11.79 -12.89
N THR A 38 -7.53 10.57 -12.37
CA THR A 38 -8.42 10.24 -11.27
C THR A 38 -8.38 11.26 -10.13
N THR A 39 -7.20 11.76 -9.82
CA THR A 39 -7.06 12.71 -8.73
C THR A 39 -7.86 13.99 -8.94
N LYS A 40 -8.40 14.18 -10.13
CA LYS A 40 -9.15 15.39 -10.43
C LYS A 40 -10.56 15.48 -9.84
N THR A 41 -11.16 14.33 -9.57
CA THR A 41 -12.50 14.30 -9.02
C THR A 41 -12.55 14.99 -7.67
N TYR A 42 -11.38 15.27 -7.10
CA TYR A 42 -11.32 15.93 -5.80
C TYR A 42 -11.42 17.44 -5.94
N PHE A 43 -11.25 17.94 -7.16
CA PHE A 43 -11.31 19.38 -7.44
C PHE A 43 -12.25 19.62 -8.64
N PRO A 44 -13.48 19.11 -8.55
CA PRO A 44 -14.49 19.24 -9.60
C PRO A 44 -14.83 20.66 -10.01
N HIS A 45 -14.76 21.57 -9.05
CA HIS A 45 -15.08 22.98 -9.29
C HIS A 45 -13.88 23.82 -9.71
N PHE A 46 -12.68 23.28 -9.51
CA PHE A 46 -11.43 23.96 -9.86
C PHE A 46 -11.19 24.03 -11.38
N ASP A 47 -10.47 25.07 -11.78
CA ASP A 47 -10.06 25.23 -13.17
C ASP A 47 -8.70 24.56 -13.13
N LEU A 48 -8.55 23.42 -13.79
CA LEU A 48 -7.29 22.69 -13.76
C LEU A 48 -6.40 22.85 -14.98
N SER A 49 -6.83 23.67 -15.94
CA SER A 49 -6.07 23.92 -17.16
C SER A 49 -4.66 24.39 -16.86
N HIS A 50 -3.74 24.12 -17.77
CA HIS A 50 -2.34 24.52 -17.59
C HIS A 50 -2.21 26.02 -17.36
N GLY A 51 -1.58 26.39 -16.26
CA GLY A 51 -1.40 27.79 -15.95
C GLY A 51 -2.50 28.35 -15.08
N SER A 52 -3.51 27.52 -14.78
CA SER A 52 -4.62 27.97 -13.93
C SER A 52 -4.14 28.81 -12.75
N ALA A 53 -4.91 29.83 -12.41
CA ALA A 53 -4.56 30.69 -11.29
C ALA A 53 -4.94 29.97 -10.00
N GLN A 54 -5.97 29.13 -10.09
CA GLN A 54 -6.42 28.37 -8.93
C GLN A 54 -5.35 27.37 -8.55
N VAL A 55 -4.91 26.59 -9.52
CA VAL A 55 -3.88 25.59 -9.26
C VAL A 55 -2.67 26.30 -8.67
N LYS A 56 -2.33 27.45 -9.23
CA LYS A 56 -1.17 28.20 -8.73
C LYS A 56 -1.32 28.57 -7.26
N GLY A 57 -2.47 29.11 -6.90
CA GLY A 57 -2.68 29.50 -5.52
C GLY A 57 -2.74 28.29 -4.58
N HIS A 58 -3.37 27.22 -5.02
CA HIS A 58 -3.49 26.03 -4.18
C HIS A 58 -2.14 25.39 -3.87
N GLY A 59 -1.28 25.31 -4.87
CA GLY A 59 0.02 24.71 -4.66
C GLY A 59 0.79 25.50 -3.63
N LYS A 60 0.51 26.80 -3.57
CA LYS A 60 1.16 27.71 -2.64
C LYS A 60 0.69 27.37 -1.23
N LYS A 61 -0.56 26.93 -1.11
CA LYS A 61 -1.13 26.54 0.18
C LYS A 61 -0.57 25.18 0.58
N VAL A 62 -0.48 24.28 -0.38
CA VAL A 62 0.07 22.95 -0.13
C VAL A 62 1.54 23.08 0.24
N ALA A 63 2.25 23.91 -0.52
CA ALA A 63 3.67 24.11 -0.31
C ALA A 63 3.96 24.68 1.09
N ASP A 64 3.15 25.63 1.54
CA ASP A 64 3.37 26.21 2.86
C ASP A 64 3.03 25.20 3.95
N ALA A 65 2.00 24.40 3.73
CA ALA A 65 1.62 23.39 4.72
C ALA A 65 2.82 22.47 4.93
N LEU A 66 3.47 22.07 3.83
CA LEU A 66 4.63 21.20 3.94
C LEU A 66 5.77 21.89 4.66
N THR A 67 5.88 23.20 4.50
CA THR A 67 6.94 23.95 5.18
C THR A 67 6.64 23.93 6.67
N ASN A 68 5.37 24.04 7.02
CA ASN A 68 4.99 24.01 8.43
C ASN A 68 5.21 22.62 8.98
N ALA A 69 4.97 21.59 8.15
CA ALA A 69 5.17 20.22 8.58
C ALA A 69 6.65 19.95 8.85
N VAL A 70 7.52 20.52 8.02
CA VAL A 70 8.96 20.31 8.20
C VAL A 70 9.43 20.97 9.50
N ALA A 71 8.83 22.09 9.87
CA ALA A 71 9.18 22.81 11.09
C ALA A 71 8.78 22.01 12.33
N HIS A 72 7.57 21.47 12.31
CA HIS A 72 7.08 20.68 13.44
C HIS A 72 7.14 19.20 13.10
N VAL A 73 8.24 18.77 12.49
CA VAL A 73 8.41 17.38 12.10
C VAL A 73 8.28 16.40 13.27
N ASP A 74 8.63 16.86 14.46
CA ASP A 74 8.55 16.03 15.66
C ASP A 74 7.22 16.21 16.39
N ASP A 75 6.34 17.00 15.82
CA ASP A 75 5.06 17.28 16.46
C ASP A 75 3.99 17.44 15.37
N MET A 76 4.07 16.60 14.34
CA MET A 76 3.13 16.67 13.22
C MET A 76 1.64 16.53 13.52
N PRO A 77 1.24 15.48 14.25
CA PRO A 77 -0.19 15.31 14.54
C PRO A 77 -0.87 16.57 15.08
N ASN A 78 -0.23 17.25 16.04
CA ASN A 78 -0.82 18.47 16.59
C ASN A 78 -0.72 19.60 15.59
N ALA A 79 0.41 19.69 14.90
CA ALA A 79 0.65 20.74 13.92
C ALA A 79 -0.27 20.69 12.68
N LEU A 80 -0.48 19.50 12.13
CA LEU A 80 -1.32 19.38 10.93
C LEU A 80 -2.75 18.93 11.25
N SER A 81 -3.10 18.90 12.53
CA SER A 81 -4.44 18.46 12.93
C SER A 81 -5.58 19.02 12.09
N ALA A 82 -5.54 20.31 11.78
CA ALA A 82 -6.60 20.91 10.99
C ALA A 82 -6.63 20.33 9.58
N LEU A 83 -5.45 20.07 9.01
CA LEU A 83 -5.40 19.49 7.66
C LEU A 83 -5.89 18.05 7.74
N SER A 84 -5.73 17.45 8.91
CA SER A 84 -6.18 16.09 9.14
C SER A 84 -7.69 16.06 9.04
N ASP A 85 -8.34 16.96 9.77
CA ASP A 85 -9.81 17.05 9.73
C ASP A 85 -10.27 17.17 8.31
N LEU A 86 -9.59 18.04 7.60
CA LEU A 86 -9.92 18.32 6.22
C LEU A 86 -9.81 17.10 5.32
N HIS A 87 -8.62 16.53 5.20
CA HIS A 87 -8.43 15.40 4.30
C HIS A 87 -9.03 14.07 4.75
N ALA A 88 -9.04 13.81 6.05
CA ALA A 88 -9.57 12.57 6.57
C ALA A 88 -11.04 12.63 6.96
N HIS A 89 -11.42 13.69 7.66
CA HIS A 89 -12.80 13.85 8.12
C HIS A 89 -13.76 14.36 7.05
N LYS A 90 -13.46 15.51 6.46
CA LYS A 90 -14.34 16.10 5.45
C LYS A 90 -14.20 15.55 4.04
N LEU A 91 -12.97 15.51 3.52
CA LEU A 91 -12.76 15.04 2.14
C LEU A 91 -12.65 13.52 1.98
N ARG A 92 -12.20 12.84 3.02
CA ARG A 92 -12.06 11.38 2.99
C ARG A 92 -11.25 10.95 1.78
N VAL A 93 -10.12 11.61 1.58
CA VAL A 93 -9.25 11.29 0.46
C VAL A 93 -8.69 9.89 0.61
N ASP A 94 -8.76 9.11 -0.48
CA ASP A 94 -8.24 7.77 -0.49
C ASP A 94 -6.72 7.89 -0.41
N PRO A 95 -6.10 7.22 0.57
CA PRO A 95 -4.65 7.22 0.79
C PRO A 95 -3.82 7.07 -0.48
N VAL A 96 -4.32 6.32 -1.46
CA VAL A 96 -3.58 6.11 -2.69
C VAL A 96 -3.22 7.43 -3.38
N ASN A 97 -4.09 8.42 -3.27
CA ASN A 97 -3.83 9.71 -3.89
C ASN A 97 -2.63 10.42 -3.26
N PHE A 98 -2.43 10.21 -1.96
CA PHE A 98 -1.31 10.81 -1.27
C PHE A 98 0.02 10.25 -1.77
N LYS A 99 0.02 9.01 -2.25
CA LYS A 99 1.26 8.46 -2.76
C LYS A 99 1.53 9.12 -4.11
N LEU A 100 0.46 9.39 -4.86
CA LEU A 100 0.60 10.00 -6.17
C LEU A 100 1.16 11.43 -6.11
N LEU A 101 0.61 12.27 -5.25
CA LEU A 101 1.10 13.64 -5.15
C LEU A 101 2.53 13.63 -4.63
N SER A 102 2.81 12.79 -3.63
CA SER A 102 4.16 12.68 -3.06
C SER A 102 5.15 12.40 -4.18
N HIS A 103 4.83 11.40 -5.00
CA HIS A 103 5.67 11.03 -6.14
C HIS A 103 5.88 12.25 -7.04
N CYS A 104 4.82 13.02 -7.26
CA CYS A 104 4.92 14.20 -8.10
C CYS A 104 5.76 15.30 -7.42
N LEU A 105 5.76 15.32 -6.09
CA LEU A 105 6.58 16.30 -5.38
C LEU A 105 8.05 15.91 -5.59
N LEU A 106 8.35 14.62 -5.42
CA LEU A 106 9.72 14.13 -5.59
C LEU A 106 10.19 14.40 -7.02
N VAL A 107 9.36 14.05 -8.00
CA VAL A 107 9.72 14.28 -9.38
C VAL A 107 10.04 15.75 -9.60
N THR A 108 9.18 16.62 -9.07
CA THR A 108 9.37 18.07 -9.23
C THR A 108 10.70 18.48 -8.64
N LEU A 109 10.96 18.03 -7.41
CA LEU A 109 12.23 18.36 -6.73
C LEU A 109 13.42 17.86 -7.50
N ALA A 110 13.29 16.65 -8.03
CA ALA A 110 14.41 16.08 -8.75
C ALA A 110 14.70 16.95 -9.95
N ALA A 111 13.66 17.42 -10.61
CA ALA A 111 13.81 18.24 -11.79
C ALA A 111 14.29 19.68 -11.57
N HIS A 112 14.28 20.14 -10.32
CA HIS A 112 14.70 21.50 -10.01
C HIS A 112 15.98 21.57 -9.17
N LEU A 113 16.18 20.57 -8.30
CA LEU A 113 17.34 20.55 -7.42
C LEU A 113 18.17 19.30 -7.59
N PRO A 114 18.72 19.09 -8.80
CA PRO A 114 19.54 17.91 -9.09
C PRO A 114 20.62 17.61 -8.05
N ALA A 115 21.43 18.61 -7.72
CA ALA A 115 22.51 18.43 -6.76
C ALA A 115 22.01 17.96 -5.40
N GLU A 116 20.86 18.46 -4.96
CA GLU A 116 20.31 18.10 -3.66
C GLU A 116 19.55 16.78 -3.63
N PHE A 117 18.96 16.41 -4.76
CA PHE A 117 18.20 15.18 -4.82
C PHE A 117 19.11 13.95 -4.94
N THR A 118 19.86 13.69 -3.88
CA THR A 118 20.76 12.54 -3.86
C THR A 118 19.95 11.33 -3.40
N PRO A 119 20.52 10.12 -3.52
CA PRO A 119 19.78 8.93 -3.09
C PRO A 119 19.26 9.11 -1.65
N ALA A 120 20.18 9.32 -0.70
CA ALA A 120 19.83 9.49 0.70
C ALA A 120 18.71 10.51 0.95
N VAL A 121 18.82 11.69 0.37
CA VAL A 121 17.82 12.73 0.54
C VAL A 121 16.49 12.31 -0.08
N HIS A 122 16.58 11.67 -1.23
CA HIS A 122 15.42 11.15 -1.96
C HIS A 122 14.71 10.22 -0.98
N ALA A 123 15.47 9.35 -0.33
CA ALA A 123 14.93 8.41 0.64
C ALA A 123 14.25 9.12 1.82
N SER A 124 14.90 10.17 2.32
CA SER A 124 14.34 10.91 3.45
C SER A 124 13.10 11.68 3.04
N LEU A 125 13.14 12.36 1.91
CA LEU A 125 11.97 13.13 1.48
C LEU A 125 10.75 12.21 1.34
N ASP A 126 10.95 11.05 0.75
CA ASP A 126 9.86 10.08 0.56
C ASP A 126 9.22 9.66 1.90
N LYS A 127 10.04 9.39 2.91
CA LYS A 127 9.53 9.00 4.22
C LYS A 127 8.81 10.17 4.88
N PHE A 128 9.35 11.36 4.70
CA PHE A 128 8.74 12.55 5.26
C PHE A 128 7.33 12.73 4.68
N LEU A 129 7.22 12.61 3.35
CA LEU A 129 5.92 12.77 2.70
C LEU A 129 4.93 11.67 3.10
N ALA A 130 5.47 10.48 3.39
CA ALA A 130 4.64 9.35 3.79
C ALA A 130 4.16 9.56 5.22
N SER A 131 4.96 10.21 6.05
CA SER A 131 4.54 10.46 7.43
C SER A 131 3.49 11.56 7.40
N VAL A 132 3.70 12.59 6.57
CA VAL A 132 2.73 13.68 6.45
C VAL A 132 1.43 13.08 5.92
N SER A 133 1.54 12.20 4.93
CA SER A 133 0.35 11.57 4.36
C SER A 133 -0.38 10.73 5.42
N THR A 134 0.36 10.02 6.24
CA THR A 134 -0.27 9.23 7.30
C THR A 134 -1.13 10.16 8.15
N VAL A 135 -0.53 11.23 8.67
CA VAL A 135 -1.26 12.17 9.49
C VAL A 135 -2.51 12.72 8.82
N LEU A 136 -2.36 13.24 7.59
CA LEU A 136 -3.51 13.80 6.89
C LEU A 136 -4.63 12.82 6.54
N THR A 137 -4.34 11.51 6.55
CA THR A 137 -5.38 10.51 6.24
C THR A 137 -5.88 9.77 7.47
N SER A 138 -5.39 10.17 8.65
CA SER A 138 -5.80 9.50 9.89
C SER A 138 -6.78 10.31 10.74
N LYS A 139 -7.77 9.62 11.30
CA LYS A 139 -8.74 10.30 12.15
C LYS A 139 -8.28 10.05 13.58
N TYR A 140 -7.64 11.06 14.17
CA TYR A 140 -7.14 10.95 15.53
C TYR A 140 -7.73 12.05 16.41
N ARG A 141 -8.84 12.60 15.93
CA ARG A 141 -9.57 13.66 16.62
C ARG A 141 -10.49 12.96 17.61
N VAL B 1 -2.17 0.42 -21.95
CA VAL B 1 -1.02 1.23 -22.46
C VAL B 1 -1.31 1.88 -23.82
N HIS B 2 -2.00 3.02 -23.79
CA HIS B 2 -2.32 3.74 -25.01
C HIS B 2 -1.67 5.13 -25.01
N LEU B 3 -0.69 5.30 -25.90
CA LEU B 3 0.02 6.57 -26.03
C LEU B 3 -0.36 7.26 -27.33
N THR B 4 -0.70 8.54 -27.25
CA THR B 4 -1.06 9.31 -28.43
C THR B 4 0.22 9.39 -29.26
N PRO B 5 0.09 9.63 -30.57
CA PRO B 5 1.30 9.71 -31.40
C PRO B 5 2.27 10.76 -30.85
N GLU B 6 1.70 11.80 -30.24
CA GLU B 6 2.48 12.89 -29.68
C GLU B 6 3.33 12.46 -28.48
N GLU B 7 2.78 11.58 -27.65
CA GLU B 7 3.49 11.10 -26.48
C GLU B 7 4.56 10.12 -26.94
N LYS B 8 4.18 9.24 -27.86
CA LYS B 8 5.09 8.24 -28.42
C LYS B 8 6.35 8.96 -28.90
N SER B 9 6.15 10.06 -29.62
CA SER B 9 7.25 10.84 -30.14
C SER B 9 8.14 11.46 -29.05
N ALA B 10 7.50 12.06 -28.05
CA ALA B 10 8.23 12.69 -26.96
C ALA B 10 8.96 11.67 -26.10
N VAL B 11 8.34 10.50 -25.88
CA VAL B 11 8.94 9.46 -25.07
C VAL B 11 10.14 8.86 -25.79
N THR B 12 10.00 8.68 -27.09
CA THR B 12 11.04 8.11 -27.94
C THR B 12 12.19 9.10 -28.04
N ALA B 13 11.84 10.35 -28.28
CA ALA B 13 12.81 11.43 -28.40
C ALA B 13 13.66 11.53 -27.13
N LEU B 14 13.01 11.55 -25.97
CA LEU B 14 13.71 11.66 -24.69
C LEU B 14 14.58 10.46 -24.40
N TRP B 15 14.03 9.27 -24.59
CA TRP B 15 14.75 8.04 -24.30
C TRP B 15 16.01 7.93 -25.16
N GLY B 16 15.98 8.60 -26.29
CA GLY B 16 17.14 8.56 -27.17
C GLY B 16 18.36 9.13 -26.51
N LYS B 17 18.15 10.07 -25.59
CA LYS B 17 19.24 10.72 -24.89
C LYS B 17 19.65 10.01 -23.59
N VAL B 18 18.90 8.98 -23.21
CA VAL B 18 19.21 8.27 -21.97
C VAL B 18 20.55 7.58 -22.04
N ASN B 19 21.26 7.58 -20.92
CA ASN B 19 22.56 6.91 -20.83
C ASN B 19 22.25 5.47 -20.41
N VAL B 20 22.21 4.57 -21.39
CA VAL B 20 21.90 3.16 -21.13
C VAL B 20 22.85 2.45 -20.17
N ASP B 21 24.05 3.01 -19.98
CA ASP B 21 25.03 2.40 -19.08
C ASP B 21 24.89 2.89 -17.64
N GLU B 22 24.14 3.97 -17.46
CA GLU B 22 23.97 4.56 -16.12
C GLU B 22 22.55 4.56 -15.54
N VAL B 23 21.61 5.23 -16.23
CA VAL B 23 20.24 5.35 -15.76
C VAL B 23 19.69 4.12 -15.05
N GLY B 24 19.84 2.96 -15.68
CA GLY B 24 19.35 1.73 -15.09
C GLY B 24 19.97 1.38 -13.76
N GLY B 25 21.29 1.56 -13.65
CA GLY B 25 21.96 1.28 -12.40
C GLY B 25 21.58 2.27 -11.32
N GLU B 26 21.36 3.52 -11.72
CA GLU B 26 20.97 4.57 -10.79
C GLU B 26 19.55 4.33 -10.25
N ALA B 27 18.66 3.88 -11.12
CA ALA B 27 17.27 3.61 -10.73
C ALA B 27 17.21 2.39 -9.82
N LEU B 28 17.86 1.31 -10.20
CA LEU B 28 17.87 0.10 -9.38
C LEU B 28 18.48 0.46 -8.03
N GLY B 29 19.62 1.14 -8.07
CA GLY B 29 20.27 1.56 -6.84
C GLY B 29 19.40 2.40 -5.92
N ARG B 30 18.66 3.35 -6.49
CA ARG B 30 17.80 4.21 -5.69
C ARG B 30 16.65 3.37 -5.13
N LEU B 31 16.23 2.36 -5.88
CA LEU B 31 15.17 1.49 -5.39
C LEU B 31 15.62 0.87 -4.05
N LEU B 32 16.87 0.38 -4.02
CA LEU B 32 17.41 -0.24 -2.81
C LEU B 32 17.73 0.73 -1.67
N VAL B 33 17.93 2.01 -1.98
CA VAL B 33 18.23 2.97 -0.92
C VAL B 33 16.94 3.58 -0.37
N VAL B 34 15.98 3.85 -1.24
CA VAL B 34 14.72 4.44 -0.82
C VAL B 34 13.77 3.44 -0.17
N TYR B 35 13.79 2.20 -0.65
CA TYR B 35 12.94 1.14 -0.09
C TYR B 35 13.87 0.00 0.29
N PRO B 36 14.51 0.11 1.47
CA PRO B 36 15.47 -0.85 2.05
C PRO B 36 15.16 -2.33 1.98
N TRP B 37 13.88 -2.68 2.14
CA TRP B 37 13.53 -4.10 2.11
C TRP B 37 13.79 -4.73 0.76
N THR B 38 13.88 -3.93 -0.31
CA THR B 38 14.10 -4.54 -1.61
C THR B 38 15.50 -5.15 -1.70
N GLN B 39 16.38 -4.76 -0.77
CA GLN B 39 17.75 -5.28 -0.73
C GLN B 39 17.74 -6.77 -0.47
N ARG B 40 16.72 -7.23 0.23
CA ARG B 40 16.60 -8.65 0.56
C ARG B 40 16.66 -9.51 -0.70
N PHE B 41 16.12 -9.02 -1.81
CA PHE B 41 16.12 -9.76 -3.06
C PHE B 41 17.48 -9.79 -3.74
N PHE B 42 18.38 -8.91 -3.30
CA PHE B 42 19.71 -8.79 -3.92
C PHE B 42 20.89 -9.04 -2.97
N GLU B 43 20.67 -9.78 -1.88
CA GLU B 43 21.76 -10.03 -0.93
C GLU B 43 23.03 -10.64 -1.50
N SER B 44 23.00 -11.14 -2.72
CA SER B 44 24.19 -11.76 -3.30
C SER B 44 25.05 -10.76 -4.05
N PHE B 45 24.57 -9.51 -4.13
CA PHE B 45 25.30 -8.45 -4.81
C PHE B 45 26.48 -7.92 -4.00
N GLY B 46 26.53 -8.25 -2.72
CA GLY B 46 27.64 -7.79 -1.90
C GLY B 46 27.26 -6.64 -0.99
N ASP B 47 28.20 -5.72 -0.79
CA ASP B 47 27.99 -4.56 0.08
C ASP B 47 26.87 -3.60 -0.32
N LEU B 48 25.88 -3.47 0.55
CA LEU B 48 24.74 -2.56 0.34
C LEU B 48 24.44 -1.88 1.69
N SER B 49 25.45 -1.84 2.54
CA SER B 49 25.35 -1.27 3.87
C SER B 49 25.04 0.21 3.98
N THR B 50 25.30 0.97 2.91
CA THR B 50 25.04 2.42 2.94
C THR B 50 24.66 2.94 1.56
N PRO B 51 23.98 4.09 1.50
CA PRO B 51 23.61 4.63 0.20
C PRO B 51 24.78 4.61 -0.78
N ASP B 52 25.89 5.24 -0.38
CA ASP B 52 27.06 5.29 -1.24
C ASP B 52 27.55 3.92 -1.65
N ALA B 53 27.50 2.95 -0.75
CA ALA B 53 27.93 1.59 -1.06
C ALA B 53 27.00 0.97 -2.11
N VAL B 54 25.70 1.22 -1.98
CA VAL B 54 24.71 0.70 -2.92
C VAL B 54 24.93 1.32 -4.31
N MET B 55 24.99 2.65 -4.36
CA MET B 55 25.15 3.38 -5.61
C MET B 55 26.49 3.09 -6.26
N GLY B 56 27.47 2.66 -5.47
CA GLY B 56 28.79 2.37 -6.00
C GLY B 56 29.04 0.90 -6.23
N ASN B 57 28.06 0.07 -5.89
CA ASN B 57 28.17 -1.37 -6.06
C ASN B 57 28.16 -1.78 -7.53
N PRO B 58 29.27 -2.38 -8.00
CA PRO B 58 29.38 -2.83 -9.39
C PRO B 58 28.20 -3.69 -9.81
N LYS B 59 27.93 -4.75 -9.04
CA LYS B 59 26.84 -5.64 -9.37
C LYS B 59 25.52 -4.89 -9.53
N VAL B 60 25.34 -3.82 -8.76
CA VAL B 60 24.11 -3.04 -8.88
C VAL B 60 24.09 -2.30 -10.22
N LYS B 61 25.23 -1.74 -10.61
CA LYS B 61 25.31 -1.02 -11.88
C LYS B 61 25.14 -1.94 -13.08
N ALA B 62 25.69 -3.14 -12.99
CA ALA B 62 25.61 -4.11 -14.06
C ALA B 62 24.20 -4.61 -14.27
N HIS B 63 23.53 -4.98 -13.18
CA HIS B 63 22.17 -5.47 -13.27
C HIS B 63 21.23 -4.36 -13.75
N GLY B 64 21.55 -3.12 -13.39
CA GLY B 64 20.72 -2.00 -13.79
C GLY B 64 20.57 -1.90 -15.29
N LYS B 65 21.66 -2.17 -16.01
CA LYS B 65 21.66 -2.11 -17.48
C LYS B 65 20.59 -3.01 -18.07
N LYS B 66 20.50 -4.24 -17.58
CA LYS B 66 19.51 -5.18 -18.07
C LYS B 66 18.10 -4.62 -17.83
N VAL B 67 17.88 -4.11 -16.63
CA VAL B 67 16.58 -3.55 -16.32
C VAL B 67 16.21 -2.49 -17.34
N LEU B 68 17.13 -1.57 -17.61
CA LEU B 68 16.89 -0.49 -18.58
C LEU B 68 16.60 -1.10 -19.95
N GLY B 69 17.39 -2.10 -20.32
CA GLY B 69 17.20 -2.76 -21.59
C GLY B 69 15.78 -3.28 -21.73
N ALA B 70 15.29 -3.97 -20.71
CA ALA B 70 13.93 -4.51 -20.74
C ALA B 70 12.93 -3.38 -20.97
N PHE B 71 13.08 -2.31 -20.20
CA PHE B 71 12.20 -1.15 -20.35
C PHE B 71 12.28 -0.72 -21.82
N SER B 72 13.48 -0.76 -22.39
CA SER B 72 13.67 -0.38 -23.78
C SER B 72 12.84 -1.30 -24.68
N ASP B 73 12.94 -2.61 -24.45
CA ASP B 73 12.16 -3.56 -25.24
C ASP B 73 10.70 -3.14 -25.18
N GLY B 74 10.24 -2.82 -23.97
CA GLY B 74 8.87 -2.39 -23.79
C GLY B 74 8.53 -1.17 -24.62
N LEU B 75 9.43 -0.18 -24.63
CA LEU B 75 9.19 1.04 -25.40
C LEU B 75 9.10 0.74 -26.89
N ALA B 76 9.55 -0.45 -27.29
CA ALA B 76 9.52 -0.88 -28.68
C ALA B 76 8.34 -1.82 -28.95
N HIS B 77 7.52 -2.04 -27.92
CA HIS B 77 6.38 -2.93 -28.03
C HIS B 77 5.25 -2.52 -27.08
N LEU B 78 4.99 -1.21 -26.98
CA LEU B 78 3.93 -0.75 -26.11
C LEU B 78 2.62 -1.41 -26.53
N ASP B 79 2.63 -2.02 -27.71
CA ASP B 79 1.45 -2.73 -28.24
C ASP B 79 1.21 -4.08 -27.58
N ASN B 80 2.24 -4.61 -26.94
CA ASN B 80 2.11 -5.91 -26.32
C ASN B 80 3.08 -6.06 -25.16
N LEU B 81 2.86 -5.28 -24.11
CA LEU B 81 3.73 -5.36 -22.95
C LEU B 81 3.65 -6.77 -22.38
N LYS B 82 2.43 -7.21 -22.08
CA LYS B 82 2.20 -8.55 -21.53
C LYS B 82 3.05 -9.61 -22.22
N GLY B 83 3.03 -9.62 -23.55
CA GLY B 83 3.83 -10.59 -24.30
C GLY B 83 5.33 -10.40 -24.15
N THR B 84 5.80 -9.18 -24.38
CA THR B 84 7.22 -8.85 -24.28
C THR B 84 7.82 -9.26 -22.93
N PHE B 85 7.05 -9.07 -21.87
CA PHE B 85 7.51 -9.37 -20.51
C PHE B 85 6.99 -10.67 -19.90
N ALA B 86 6.57 -11.63 -20.73
CA ALA B 86 6.04 -12.91 -20.22
C ALA B 86 7.11 -13.69 -19.46
N THR B 87 8.32 -13.69 -20.00
CA THR B 87 9.43 -14.38 -19.38
C THR B 87 9.78 -13.75 -18.03
N LEU B 88 10.06 -12.46 -18.04
CA LEU B 88 10.40 -11.76 -16.80
C LEU B 88 9.30 -11.93 -15.77
N SER B 89 8.06 -11.92 -16.22
CA SER B 89 6.92 -12.06 -15.33
C SER B 89 6.94 -13.38 -14.58
N GLU B 90 7.41 -14.44 -15.23
CA GLU B 90 7.47 -15.72 -14.55
C GLU B 90 8.63 -15.72 -13.56
N LEU B 91 9.73 -15.08 -13.95
CA LEU B 91 10.91 -14.98 -13.11
C LEU B 91 10.62 -14.21 -11.82
N HIS B 92 9.92 -13.08 -11.94
CA HIS B 92 9.60 -12.24 -10.80
C HIS B 92 8.43 -12.69 -9.95
N CYS B 93 7.47 -13.39 -10.55
CA CYS B 93 6.30 -13.85 -9.80
C CYS B 93 6.43 -15.29 -9.33
N ASP B 94 6.62 -16.22 -10.27
CA ASP B 94 6.73 -17.64 -9.95
C ASP B 94 8.02 -18.02 -9.22
N LYS B 95 9.16 -17.51 -9.67
CA LYS B 95 10.44 -17.88 -9.04
C LYS B 95 10.91 -16.97 -7.90
N LEU B 96 10.81 -15.65 -8.05
CA LEU B 96 11.27 -14.71 -7.02
C LEU B 96 10.21 -14.27 -6.01
N HIS B 97 8.96 -14.22 -6.45
CA HIS B 97 7.85 -13.81 -5.59
C HIS B 97 7.84 -12.34 -5.17
N VAL B 98 8.50 -11.49 -5.95
CA VAL B 98 8.53 -10.06 -5.66
C VAL B 98 7.07 -9.59 -5.65
N ASP B 99 6.65 -8.91 -4.59
CA ASP B 99 5.28 -8.41 -4.52
C ASP B 99 5.07 -7.39 -5.63
N PRO B 100 3.92 -7.47 -6.33
CA PRO B 100 3.61 -6.55 -7.43
C PRO B 100 3.86 -5.07 -7.15
N GLU B 101 3.67 -4.65 -5.91
CA GLU B 101 3.86 -3.25 -5.55
C GLU B 101 5.28 -2.75 -5.80
N ASN B 102 6.26 -3.62 -5.63
CA ASN B 102 7.65 -3.22 -5.84
C ASN B 102 7.90 -2.88 -7.30
N PHE B 103 7.18 -3.53 -8.22
CA PHE B 103 7.33 -3.23 -9.64
C PHE B 103 6.93 -1.78 -9.87
N ARG B 104 5.84 -1.36 -9.21
CA ARG B 104 5.35 0.00 -9.31
C ARG B 104 6.37 0.98 -8.73
N LEU B 105 6.98 0.60 -7.61
CA LEU B 105 7.96 1.47 -6.97
C LEU B 105 9.18 1.69 -7.86
N LEU B 106 9.73 0.62 -8.41
CA LEU B 106 10.88 0.76 -9.29
C LEU B 106 10.53 1.66 -10.46
N GLY B 107 9.30 1.52 -10.96
CA GLY B 107 8.85 2.32 -12.09
C GLY B 107 8.87 3.80 -11.76
N ASN B 108 8.32 4.15 -10.59
CA ASN B 108 8.30 5.55 -10.19
C ASN B 108 9.71 6.07 -9.88
N VAL B 109 10.58 5.19 -9.41
CA VAL B 109 11.95 5.59 -9.10
C VAL B 109 12.65 5.99 -10.40
N LEU B 110 12.44 5.18 -11.43
CA LEU B 110 13.00 5.45 -12.74
C LEU B 110 12.50 6.82 -13.22
N VAL B 111 11.22 7.09 -13.02
CA VAL B 111 10.67 8.38 -13.42
C VAL B 111 11.38 9.49 -12.66
N CYS B 112 11.68 9.24 -11.38
CA CYS B 112 12.39 10.23 -10.59
C CYS B 112 13.80 10.43 -11.12
N VAL B 113 14.44 9.35 -11.56
CA VAL B 113 15.80 9.42 -12.09
C VAL B 113 15.82 10.21 -13.39
N LEU B 114 14.83 9.98 -14.24
CA LEU B 114 14.71 10.68 -15.52
C LEU B 114 14.51 12.17 -15.30
N ALA B 115 13.68 12.50 -14.32
CA ALA B 115 13.42 13.89 -14.01
C ALA B 115 14.72 14.53 -13.51
N HIS B 116 15.48 13.77 -12.73
CA HIS B 116 16.75 14.23 -12.19
C HIS B 116 17.77 14.57 -13.27
N HIS B 117 17.88 13.71 -14.28
CA HIS B 117 18.83 13.90 -15.38
C HIS B 117 18.45 14.92 -16.43
N PHE B 118 17.16 15.07 -16.69
CA PHE B 118 16.72 16.01 -17.73
C PHE B 118 16.14 17.31 -17.20
N GLY B 119 15.92 17.37 -15.89
CA GLY B 119 15.39 18.59 -15.30
C GLY B 119 14.17 19.14 -16.02
N LYS B 120 14.17 20.45 -16.24
CA LYS B 120 13.05 21.14 -16.89
C LYS B 120 12.57 20.50 -18.18
N GLU B 121 13.41 19.70 -18.82
CA GLU B 121 13.03 19.04 -20.06
C GLU B 121 12.01 17.93 -19.80
N PHE B 122 12.02 17.41 -18.58
CA PHE B 122 11.09 16.34 -18.20
C PHE B 122 9.80 17.01 -17.76
N THR B 123 9.10 17.58 -18.73
CA THR B 123 7.88 18.31 -18.48
C THR B 123 6.70 17.47 -18.00
N PRO B 124 5.71 18.12 -17.36
CA PRO B 124 4.51 17.43 -16.85
C PRO B 124 3.88 16.51 -17.88
N PRO B 125 3.77 16.96 -19.14
CA PRO B 125 3.17 16.09 -20.16
C PRO B 125 4.05 14.88 -20.47
N VAL B 126 5.35 15.10 -20.60
CA VAL B 126 6.25 14.00 -20.90
C VAL B 126 6.16 12.99 -19.77
N GLN B 127 6.09 13.48 -18.53
CA GLN B 127 6.01 12.59 -17.38
C GLN B 127 4.80 11.69 -17.54
N ALA B 128 3.68 12.32 -17.89
CA ALA B 128 2.41 11.61 -18.07
C ALA B 128 2.58 10.50 -19.07
N ALA B 129 3.28 10.79 -20.15
CA ALA B 129 3.50 9.77 -21.15
C ALA B 129 4.23 8.62 -20.50
N TYR B 130 5.27 8.92 -19.73
CA TYR B 130 6.05 7.89 -19.06
C TYR B 130 5.32 7.13 -17.97
N GLN B 131 4.45 7.81 -17.21
CA GLN B 131 3.74 7.10 -16.16
C GLN B 131 2.97 5.96 -16.80
N LYS B 132 2.47 6.19 -18.02
CA LYS B 132 1.73 5.17 -18.75
C LYS B 132 2.62 3.98 -19.08
N VAL B 133 3.80 4.26 -19.62
CA VAL B 133 4.70 3.18 -19.96
C VAL B 133 5.10 2.36 -18.73
N VAL B 134 5.64 3.00 -17.68
CA VAL B 134 6.03 2.23 -16.51
C VAL B 134 4.85 1.50 -15.88
N ALA B 135 3.64 2.03 -16.05
CA ALA B 135 2.46 1.37 -15.50
C ALA B 135 2.22 0.09 -16.31
N GLY B 136 2.50 0.16 -17.61
CA GLY B 136 2.34 -1.00 -18.46
C GLY B 136 3.36 -2.09 -18.17
N VAL B 137 4.63 -1.69 -18.04
CA VAL B 137 5.68 -2.67 -17.75
C VAL B 137 5.35 -3.39 -16.45
N ALA B 138 4.99 -2.62 -15.44
CA ALA B 138 4.65 -3.17 -14.13
C ALA B 138 3.48 -4.15 -14.19
N ASN B 139 2.39 -3.75 -14.85
CA ASN B 139 1.21 -4.61 -14.96
C ASN B 139 1.50 -5.85 -15.78
N ALA B 140 2.44 -5.76 -16.70
CA ALA B 140 2.83 -6.87 -17.55
C ALA B 140 3.65 -7.85 -16.71
N LEU B 141 4.53 -7.31 -15.88
CA LEU B 141 5.36 -8.13 -15.01
C LEU B 141 4.54 -8.77 -13.92
N ALA B 142 3.48 -8.08 -13.51
CA ALA B 142 2.61 -8.58 -12.47
C ALA B 142 1.54 -9.48 -13.06
N HIS B 143 1.69 -9.88 -14.30
CA HIS B 143 0.71 -10.75 -14.96
C HIS B 143 0.58 -12.12 -14.26
N LYS B 144 1.63 -12.55 -13.57
CA LYS B 144 1.59 -13.83 -12.85
C LYS B 144 1.22 -13.57 -11.39
N TYR B 145 0.97 -12.30 -11.07
CA TYR B 145 0.60 -11.87 -9.72
C TYR B 145 -0.64 -10.95 -9.81
N HIS B 146 -1.20 -10.89 -11.02
CA HIS B 146 -2.40 -10.08 -11.32
C HIS B 146 -3.24 -10.80 -12.36
N VAL C 1 -1.79 7.31 13.09
CA VAL C 1 -1.98 8.07 14.32
C VAL C 1 -3.25 7.60 15.04
N LEU C 2 -3.11 7.21 16.30
CA LEU C 2 -4.25 6.73 17.08
C LEU C 2 -5.00 7.85 17.80
N SER C 3 -6.31 7.73 17.83
CA SER C 3 -7.16 8.71 18.49
C SER C 3 -7.31 8.32 19.96
N PRO C 4 -7.77 9.25 20.81
CA PRO C 4 -7.92 8.87 22.22
C PRO C 4 -8.84 7.65 22.36
N ALA C 5 -9.88 7.58 21.53
CA ALA C 5 -10.83 6.47 21.56
C ALA C 5 -10.15 5.17 21.12
N ASP C 6 -9.35 5.27 20.06
CA ASP C 6 -8.60 4.14 19.51
C ASP C 6 -7.81 3.48 20.64
N LYS C 7 -7.05 4.30 21.35
CA LYS C 7 -6.23 3.82 22.45
C LYS C 7 -7.10 3.09 23.47
N THR C 8 -8.26 3.66 23.79
CA THR C 8 -9.18 3.05 24.76
C THR C 8 -9.66 1.70 24.21
N ASN C 9 -10.03 1.64 22.94
CA ASN C 9 -10.47 0.36 22.41
C ASN C 9 -9.35 -0.67 22.41
N VAL C 10 -8.17 -0.31 21.93
CA VAL C 10 -7.05 -1.25 21.88
C VAL C 10 -6.71 -1.79 23.27
N LYS C 11 -6.67 -0.91 24.28
CA LYS C 11 -6.37 -1.36 25.63
C LYS C 11 -7.47 -2.27 26.17
N ALA C 12 -8.73 -1.88 25.97
CA ALA C 12 -9.85 -2.67 26.43
C ALA C 12 -9.85 -4.09 25.83
N ALA C 13 -9.84 -4.16 24.51
CA ALA C 13 -9.88 -5.44 23.82
C ALA C 13 -8.66 -6.31 24.07
N TRP C 14 -7.48 -5.70 24.18
CA TRP C 14 -6.29 -6.49 24.44
C TRP C 14 -6.38 -6.95 25.89
N GLY C 15 -7.05 -6.15 26.72
CA GLY C 15 -7.25 -6.54 28.10
C GLY C 15 -8.14 -7.78 28.06
N LYS C 16 -9.20 -7.71 27.24
CA LYS C 16 -10.09 -8.85 27.06
C LYS C 16 -9.29 -10.07 26.64
N VAL C 17 -8.44 -9.91 25.62
CA VAL C 17 -7.62 -11.00 25.14
C VAL C 17 -6.90 -11.66 26.32
N GLY C 18 -6.47 -10.83 27.27
CA GLY C 18 -5.81 -11.32 28.46
C GLY C 18 -4.77 -12.41 28.27
N ALA C 19 -4.86 -13.44 29.09
CA ALA C 19 -3.90 -14.54 29.06
C ALA C 19 -3.84 -15.34 27.75
N HIS C 20 -4.81 -15.14 26.85
CA HIS C 20 -4.81 -15.87 25.59
C HIS C 20 -3.95 -15.20 24.50
N ALA C 21 -3.22 -14.14 24.86
CA ALA C 21 -2.39 -13.41 23.91
C ALA C 21 -1.33 -14.25 23.18
N GLY C 22 -0.56 -15.02 23.92
CA GLY C 22 0.46 -15.84 23.30
C GLY C 22 -0.13 -16.84 22.31
N GLU C 23 -1.22 -17.47 22.70
CA GLU C 23 -1.85 -18.46 21.84
C GLU C 23 -2.28 -17.78 20.55
N TYR C 24 -2.96 -16.64 20.68
CA TYR C 24 -3.46 -15.90 19.52
C TYR C 24 -2.35 -15.49 18.56
N GLY C 25 -1.19 -15.13 19.12
CA GLY C 25 -0.08 -14.75 18.27
C GLY C 25 0.41 -15.98 17.51
N ALA C 26 0.40 -17.13 18.19
CA ALA C 26 0.85 -18.37 17.58
C ALA C 26 -0.11 -18.72 16.46
N GLU C 27 -1.41 -18.61 16.73
CA GLU C 27 -2.39 -18.92 15.73
C GLU C 27 -2.27 -17.95 14.55
N ALA C 28 -2.05 -16.67 14.86
CA ALA C 28 -1.90 -15.68 13.80
C ALA C 28 -0.78 -16.12 12.86
N LEU C 29 0.38 -16.43 13.43
CA LEU C 29 1.52 -16.85 12.62
C LEU C 29 1.12 -18.05 11.75
N GLU C 30 0.54 -19.06 12.38
CA GLU C 30 0.14 -20.25 11.64
C GLU C 30 -0.78 -19.94 10.47
N ARG C 31 -1.75 -19.06 10.67
CA ARG C 31 -2.67 -18.71 9.60
C ARG C 31 -1.89 -18.02 8.48
N MET C 32 -0.93 -17.19 8.85
CA MET C 32 -0.12 -16.48 7.87
C MET C 32 0.69 -17.44 6.96
N PHE C 33 1.37 -18.40 7.58
CA PHE C 33 2.20 -19.37 6.84
C PHE C 33 1.37 -20.27 5.94
N LEU C 34 0.15 -20.55 6.37
CA LEU C 34 -0.71 -21.43 5.60
C LEU C 34 -1.41 -20.67 4.48
N SER C 35 -1.81 -19.43 4.77
CA SER C 35 -2.51 -18.59 3.82
C SER C 35 -1.61 -17.87 2.84
N PHE C 36 -0.41 -17.53 3.29
CA PHE C 36 0.53 -16.81 2.44
C PHE C 36 1.88 -17.49 2.56
N PRO C 37 2.01 -18.69 1.96
CA PRO C 37 3.25 -19.48 1.99
C PRO C 37 4.54 -18.69 1.79
N THR C 38 4.49 -17.66 0.96
CA THR C 38 5.69 -16.88 0.72
C THR C 38 6.33 -16.43 2.02
N THR C 39 5.52 -15.96 2.97
CA THR C 39 6.05 -15.49 4.25
C THR C 39 6.98 -16.50 4.93
N LYS C 40 6.83 -17.78 4.59
CA LYS C 40 7.68 -18.80 5.21
C LYS C 40 9.17 -18.61 4.90
N THR C 41 9.47 -17.96 3.79
CA THR C 41 10.86 -17.76 3.43
C THR C 41 11.66 -17.00 4.49
N TYR C 42 10.97 -16.39 5.45
CA TYR C 42 11.63 -15.63 6.53
C TYR C 42 11.97 -16.50 7.73
N PHE C 43 11.39 -17.70 7.79
CA PHE C 43 11.65 -18.61 8.91
C PHE C 43 12.12 -19.95 8.39
N PRO C 44 13.23 -19.96 7.65
CA PRO C 44 13.78 -21.20 7.10
C PRO C 44 14.14 -22.23 8.15
N HIS C 45 14.79 -21.79 9.22
CA HIS C 45 15.22 -22.70 10.29
C HIS C 45 14.14 -23.06 11.29
N PHE C 46 12.90 -22.71 11.00
CA PHE C 46 11.80 -23.01 11.89
C PHE C 46 11.04 -24.25 11.46
N ASP C 47 10.42 -24.90 12.44
CA ASP C 47 9.58 -26.05 12.18
C ASP C 47 8.21 -25.40 12.08
N LEU C 48 7.67 -25.28 10.87
CA LEU C 48 6.38 -24.64 10.68
C LEU C 48 5.16 -25.56 10.61
N SER C 49 5.30 -26.79 11.10
CA SER C 49 4.17 -27.71 11.07
C SER C 49 3.12 -27.30 12.10
N HIS C 50 1.88 -27.67 11.84
CA HIS C 50 0.79 -27.33 12.74
C HIS C 50 1.14 -27.74 14.17
N GLY C 51 0.99 -26.80 15.10
CA GLY C 51 1.27 -27.09 16.50
C GLY C 51 2.72 -27.16 16.96
N SER C 52 3.67 -26.90 16.06
CA SER C 52 5.07 -26.97 16.43
C SER C 52 5.34 -26.09 17.65
N ALA C 53 6.28 -26.51 18.49
CA ALA C 53 6.62 -25.75 19.67
C ALA C 53 7.32 -24.44 19.32
N GLN C 54 8.04 -24.39 18.20
CA GLN C 54 8.72 -23.16 17.83
C GLN C 54 7.72 -22.06 17.48
N VAL C 55 6.74 -22.37 16.66
CA VAL C 55 5.73 -21.38 16.28
C VAL C 55 5.01 -20.86 17.52
N LYS C 56 4.58 -21.78 18.39
CA LYS C 56 3.90 -21.35 19.61
C LYS C 56 4.80 -20.47 20.45
N GLY C 57 6.08 -20.84 20.54
CA GLY C 57 7.00 -20.04 21.32
C GLY C 57 7.18 -18.67 20.71
N HIS C 58 7.27 -18.62 19.39
CA HIS C 58 7.45 -17.36 18.71
C HIS C 58 6.22 -16.46 18.87
N GLY C 59 5.05 -17.08 18.89
CA GLY C 59 3.81 -16.33 19.06
C GLY C 59 3.80 -15.62 20.39
N LYS C 60 4.22 -16.32 21.45
CA LYS C 60 4.26 -15.72 22.77
C LYS C 60 5.10 -14.47 22.69
N LYS C 61 6.27 -14.58 22.05
CA LYS C 61 7.18 -13.46 21.87
C LYS C 61 6.51 -12.30 21.14
N VAL C 62 5.77 -12.63 20.08
CA VAL C 62 5.07 -11.62 19.30
C VAL C 62 4.02 -10.96 20.19
N ALA C 63 3.22 -11.78 20.88
CA ALA C 63 2.19 -11.21 21.75
C ALA C 63 2.79 -10.32 22.83
N ASP C 64 3.89 -10.76 23.45
CA ASP C 64 4.50 -9.96 24.49
C ASP C 64 4.93 -8.61 23.91
N ALA C 65 5.46 -8.63 22.69
CA ALA C 65 5.85 -7.38 22.05
C ALA C 65 4.64 -6.46 21.90
N LEU C 66 3.52 -7.03 21.45
CA LEU C 66 2.30 -6.25 21.27
C LEU C 66 1.75 -5.76 22.59
N THR C 67 1.78 -6.60 23.61
CA THR C 67 1.29 -6.18 24.92
C THR C 67 2.15 -5.00 25.37
N ASN C 68 3.44 -5.09 25.07
CA ASN C 68 4.39 -4.03 25.40
C ASN C 68 3.98 -2.77 24.65
N ALA C 69 3.68 -2.93 23.37
CA ALA C 69 3.26 -1.83 22.52
C ALA C 69 2.00 -1.19 23.08
N VAL C 70 1.01 -2.01 23.42
CA VAL C 70 -0.23 -1.49 23.99
C VAL C 70 0.06 -0.64 25.23
N ALA C 71 1.02 -1.09 26.03
CA ALA C 71 1.38 -0.39 27.27
C ALA C 71 2.17 0.91 27.05
N HIS C 72 2.65 1.14 25.83
CA HIS C 72 3.40 2.35 25.53
C HIS C 72 2.87 2.93 24.25
N VAL C 73 1.56 2.78 24.04
CA VAL C 73 0.93 3.25 22.83
C VAL C 73 1.31 4.68 22.43
N ASP C 74 1.57 5.54 23.40
CA ASP C 74 1.94 6.92 23.08
C ASP C 74 3.43 7.13 22.83
N ASP C 75 4.21 6.05 22.89
CA ASP C 75 5.65 6.17 22.70
C ASP C 75 6.21 4.86 22.13
N MET C 76 5.59 4.38 21.05
CA MET C 76 5.98 3.13 20.41
C MET C 76 7.36 3.11 19.75
N PRO C 77 7.72 4.17 19.01
CA PRO C 77 9.03 4.17 18.39
C PRO C 77 10.14 3.87 19.41
N ASN C 78 10.04 4.54 20.57
CA ASN C 78 10.99 4.37 21.64
C ASN C 78 10.93 2.96 22.23
N ALA C 79 9.71 2.51 22.57
CA ALA C 79 9.52 1.20 23.17
C ALA C 79 9.84 0.01 22.27
N LEU C 80 9.73 0.19 20.96
CA LEU C 80 10.00 -0.93 20.05
C LEU C 80 11.30 -0.77 19.27
N SER C 81 12.16 0.12 19.74
CA SER C 81 13.44 0.38 19.08
C SER C 81 14.23 -0.88 18.72
N ALA C 82 14.39 -1.81 19.66
CA ALA C 82 15.16 -3.02 19.35
C ALA C 82 14.49 -3.88 18.27
N LEU C 83 13.17 -4.02 18.36
CA LEU C 83 12.43 -4.82 17.38
C LEU C 83 12.48 -4.20 16.00
N SER C 84 12.46 -2.87 15.95
CA SER C 84 12.52 -2.17 14.70
C SER C 84 13.88 -2.43 14.06
N ASP C 85 14.92 -2.39 14.88
CA ASP C 85 16.26 -2.64 14.36
C ASP C 85 16.31 -4.01 13.70
N LEU C 86 15.65 -4.98 14.31
CA LEU C 86 15.63 -6.34 13.78
C LEU C 86 14.85 -6.52 12.49
N HIS C 87 13.63 -5.98 12.42
CA HIS C 87 12.81 -6.14 11.22
C HIS C 87 13.13 -5.17 10.09
N ALA C 88 13.60 -3.98 10.44
CA ALA C 88 13.91 -2.99 9.41
C ALA C 88 15.38 -2.91 8.98
N HIS C 89 16.30 -2.90 9.94
CA HIS C 89 17.72 -2.82 9.61
C HIS C 89 18.31 -4.16 9.20
N LYS C 90 18.04 -5.18 10.00
CA LYS C 90 18.61 -6.49 9.78
C LYS C 90 17.88 -7.46 8.85
N LEU C 91 16.66 -7.87 9.22
CA LEU C 91 15.88 -8.80 8.41
C LEU C 91 15.32 -8.15 7.14
N ARG C 92 15.16 -6.83 7.18
CA ARG C 92 14.62 -6.07 6.06
C ARG C 92 13.32 -6.71 5.53
N VAL C 93 12.38 -6.91 6.43
CA VAL C 93 11.10 -7.50 6.09
C VAL C 93 10.27 -6.55 5.27
N ASP C 94 9.77 -7.02 4.13
CA ASP C 94 8.92 -6.23 3.25
C ASP C 94 7.64 -5.87 4.04
N PRO C 95 7.21 -4.59 4.02
CA PRO C 95 5.99 -4.21 4.76
C PRO C 95 4.72 -4.93 4.35
N VAL C 96 4.67 -5.47 3.15
CA VAL C 96 3.48 -6.20 2.73
C VAL C 96 3.25 -7.35 3.70
N ASN C 97 4.34 -7.85 4.26
CA ASN C 97 4.25 -8.97 5.18
C ASN C 97 3.61 -8.58 6.49
N PHE C 98 3.71 -7.30 6.85
CA PHE C 98 3.10 -6.83 8.09
C PHE C 98 1.60 -6.69 7.92
N LYS C 99 1.17 -6.38 6.70
CA LYS C 99 -0.25 -6.27 6.43
C LYS C 99 -0.84 -7.67 6.57
N LEU C 100 -0.09 -8.66 6.10
CA LEU C 100 -0.53 -10.06 6.15
C LEU C 100 -0.62 -10.62 7.58
N LEU C 101 0.38 -10.35 8.42
CA LEU C 101 0.31 -10.87 9.79
C LEU C 101 -0.82 -10.16 10.53
N SER C 102 -0.91 -8.84 10.33
CA SER C 102 -1.93 -8.03 10.96
C SER C 102 -3.32 -8.56 10.64
N HIS C 103 -3.54 -8.83 9.36
CA HIS C 103 -4.81 -9.35 8.90
C HIS C 103 -5.08 -10.67 9.60
N CYS C 104 -4.07 -11.55 9.63
CA CYS C 104 -4.20 -12.84 10.27
C CYS C 104 -4.46 -12.70 11.75
N LEU C 105 -3.89 -11.68 12.36
CA LEU C 105 -4.10 -11.44 13.78
C LEU C 105 -5.55 -10.99 14.00
N LEU C 106 -6.11 -10.24 13.05
CA LEU C 106 -7.49 -9.78 13.16
C LEU C 106 -8.42 -10.96 12.96
N VAL C 107 -8.06 -11.82 12.01
CA VAL C 107 -8.86 -12.98 11.71
C VAL C 107 -8.94 -13.86 12.95
N THR C 108 -7.79 -14.07 13.60
CA THR C 108 -7.71 -14.91 14.79
C THR C 108 -8.60 -14.31 15.87
N LEU C 109 -8.49 -12.98 15.96
CA LEU C 109 -9.24 -12.21 16.93
C LEU C 109 -10.75 -12.39 16.69
N ALA C 110 -11.17 -12.26 15.43
CA ALA C 110 -12.57 -12.42 15.06
C ALA C 110 -13.05 -13.82 15.41
N ALA C 111 -12.17 -14.80 15.21
CA ALA C 111 -12.51 -16.17 15.48
C ALA C 111 -12.59 -16.50 16.98
N HIS C 112 -11.96 -15.72 17.84
CA HIS C 112 -12.00 -16.00 19.27
C HIS C 112 -12.88 -15.05 20.08
N LEU C 113 -13.16 -13.86 19.57
CA LEU C 113 -13.99 -12.91 20.31
C LEU C 113 -15.31 -12.60 19.62
N PRO C 114 -16.21 -13.61 19.53
CA PRO C 114 -17.49 -13.38 18.88
C PRO C 114 -18.33 -12.37 19.64
N ALA C 115 -17.99 -12.17 20.91
CA ALA C 115 -18.75 -11.24 21.74
C ALA C 115 -18.15 -9.86 21.92
N GLU C 116 -16.88 -9.69 21.58
CA GLU C 116 -16.22 -8.40 21.78
C GLU C 116 -15.54 -7.78 20.54
N PHE C 117 -15.43 -8.54 19.46
CA PHE C 117 -14.83 -8.00 18.25
C PHE C 117 -15.85 -7.13 17.51
N THR C 118 -16.23 -6.01 18.12
CA THR C 118 -17.19 -5.09 17.52
C THR C 118 -16.51 -4.34 16.38
N PRO C 119 -17.31 -3.69 15.50
CA PRO C 119 -16.71 -2.93 14.40
C PRO C 119 -15.69 -1.87 14.85
N ALA C 120 -16.02 -1.17 15.93
CA ALA C 120 -15.11 -0.14 16.41
C ALA C 120 -13.80 -0.72 16.93
N VAL C 121 -13.90 -1.82 17.66
CA VAL C 121 -12.70 -2.47 18.20
C VAL C 121 -11.84 -2.95 17.02
N HIS C 122 -12.50 -3.51 16.01
CA HIS C 122 -11.85 -4.00 14.78
C HIS C 122 -11.12 -2.83 14.11
N ALA C 123 -11.79 -1.69 14.00
CA ALA C 123 -11.19 -0.52 13.38
C ALA C 123 -9.99 -0.06 14.19
N SER C 124 -10.17 0.04 15.51
CA SER C 124 -9.09 0.50 16.37
C SER C 124 -7.88 -0.44 16.38
N LEU C 125 -8.13 -1.75 16.42
CA LEU C 125 -7.05 -2.72 16.42
C LEU C 125 -6.35 -2.73 15.06
N ASP C 126 -7.07 -2.37 14.01
CA ASP C 126 -6.48 -2.35 12.68
C ASP C 126 -5.44 -1.24 12.63
N LYS C 127 -5.84 -0.04 13.03
CA LYS C 127 -4.94 1.10 13.04
C LYS C 127 -3.76 0.86 13.96
N PHE C 128 -4.04 0.22 15.10
CA PHE C 128 -2.98 -0.07 16.06
C PHE C 128 -1.91 -0.95 15.44
N LEU C 129 -2.34 -2.02 14.76
CA LEU C 129 -1.37 -2.92 14.14
C LEU C 129 -0.62 -2.22 13.02
N ALA C 130 -1.26 -1.23 12.40
CA ALA C 130 -0.64 -0.49 11.32
C ALA C 130 0.46 0.41 11.87
N SER C 131 0.20 0.94 13.06
CA SER C 131 1.15 1.80 13.73
C SER C 131 2.37 1.00 14.22
N VAL C 132 2.14 -0.21 14.70
CA VAL C 132 3.23 -1.07 15.15
C VAL C 132 4.04 -1.48 13.91
N SER C 133 3.33 -1.79 12.82
CA SER C 133 3.96 -2.18 11.56
C SER C 133 4.86 -1.07 11.00
N THR C 134 4.40 0.17 11.08
CA THR C 134 5.19 1.29 10.58
C THR C 134 6.48 1.46 11.40
N VAL C 135 6.39 1.30 12.71
CA VAL C 135 7.56 1.42 13.55
C VAL C 135 8.60 0.35 13.22
N LEU C 136 8.14 -0.90 13.09
CA LEU C 136 9.03 -2.02 12.81
C LEU C 136 9.60 -2.10 11.41
N THR C 137 9.02 -1.39 10.45
CA THR C 137 9.55 -1.45 9.10
C THR C 137 10.30 -0.17 8.76
N SER C 138 10.34 0.74 9.73
CA SER C 138 11.03 2.02 9.56
C SER C 138 12.39 1.99 10.27
N LYS C 139 13.40 2.53 9.61
CA LYS C 139 14.73 2.58 10.21
C LYS C 139 14.89 4.01 10.73
N TYR C 140 14.72 4.18 12.04
CA TYR C 140 14.82 5.50 12.65
C TYR C 140 15.93 5.64 13.69
N ARG C 141 16.98 4.84 13.57
CA ARG C 141 18.09 4.90 14.51
C ARG C 141 19.14 5.89 13.99
N VAL D 1 -6.59 -18.25 -8.47
CA VAL D 1 -7.60 -19.16 -7.86
C VAL D 1 -7.48 -20.58 -8.41
N HIS D 2 -6.98 -21.47 -7.56
CA HIS D 2 -6.75 -22.86 -7.93
C HIS D 2 -7.56 -23.83 -7.08
N LEU D 3 -7.48 -23.65 -5.76
CA LEU D 3 -8.22 -24.49 -4.83
C LEU D 3 -8.17 -25.97 -5.13
N THR D 4 -7.39 -26.70 -4.35
CA THR D 4 -7.28 -28.15 -4.53
C THR D 4 -8.68 -28.74 -4.39
N PRO D 5 -8.82 -30.05 -4.69
CA PRO D 5 -10.12 -30.73 -4.60
C PRO D 5 -10.69 -30.61 -3.19
N GLU D 6 -9.79 -30.72 -2.22
CA GLU D 6 -10.16 -30.64 -0.81
C GLU D 6 -10.55 -29.22 -0.43
N GLU D 7 -9.83 -28.24 -0.98
CA GLU D 7 -10.11 -26.84 -0.70
C GLU D 7 -11.48 -26.41 -1.21
N LYS D 8 -11.66 -26.49 -2.53
CA LYS D 8 -12.94 -26.13 -3.14
C LYS D 8 -14.07 -26.81 -2.37
N SER D 9 -13.79 -28.02 -1.90
CA SER D 9 -14.78 -28.78 -1.14
C SER D 9 -15.19 -28.06 0.14
N ALA D 10 -14.21 -27.72 0.98
CA ALA D 10 -14.45 -27.01 2.23
C ALA D 10 -15.06 -25.63 2.02
N VAL D 11 -14.58 -24.92 1.00
CA VAL D 11 -15.07 -23.57 0.67
C VAL D 11 -16.58 -23.64 0.43
N THR D 12 -16.99 -24.65 -0.33
CA THR D 12 -18.40 -24.84 -0.65
C THR D 12 -19.18 -25.18 0.60
N ALA D 13 -18.67 -26.14 1.36
CA ALA D 13 -19.32 -26.57 2.58
C ALA D 13 -19.65 -25.39 3.49
N LEU D 14 -18.69 -24.49 3.67
CA LEU D 14 -18.89 -23.33 4.56
C LEU D 14 -19.82 -22.27 4.01
N TRP D 15 -19.67 -21.94 2.72
CA TRP D 15 -20.51 -20.91 2.10
C TRP D 15 -21.98 -21.31 2.16
N GLY D 16 -22.23 -22.62 2.29
CA GLY D 16 -23.59 -23.09 2.36
C GLY D 16 -24.25 -22.56 3.62
N LYS D 17 -23.45 -22.33 4.66
CA LYS D 17 -23.95 -21.84 5.94
C LYS D 17 -23.94 -20.33 6.07
N VAL D 18 -23.49 -19.63 5.02
CA VAL D 18 -23.43 -18.18 5.05
C VAL D 18 -24.79 -17.54 4.81
N ASN D 19 -25.11 -16.55 5.63
CA ASN D 19 -26.38 -15.85 5.51
C ASN D 19 -26.33 -14.84 4.35
N VAL D 20 -27.08 -15.12 3.30
CA VAL D 20 -27.13 -14.28 2.11
C VAL D 20 -27.73 -12.89 2.34
N ASP D 21 -28.53 -12.74 3.38
CA ASP D 21 -29.17 -11.46 3.67
C ASP D 21 -28.39 -10.56 4.62
N GLU D 22 -27.35 -11.08 5.26
CA GLU D 22 -26.63 -10.26 6.23
C GLU D 22 -25.11 -10.12 6.12
N VAL D 23 -24.41 -11.21 5.78
CA VAL D 23 -22.96 -11.16 5.67
C VAL D 23 -22.46 -10.05 4.75
N GLY D 24 -23.02 -9.99 3.54
CA GLY D 24 -22.61 -8.93 2.61
C GLY D 24 -22.65 -7.60 3.34
N GLY D 25 -23.79 -7.31 3.96
CA GLY D 25 -23.95 -6.07 4.68
C GLY D 25 -22.91 -5.84 5.77
N GLU D 26 -22.54 -6.90 6.49
CA GLU D 26 -21.54 -6.78 7.55
C GLU D 26 -20.16 -6.45 7.00
N ALA D 27 -19.82 -7.08 5.87
CA ALA D 27 -18.53 -6.87 5.25
C ALA D 27 -18.44 -5.42 4.76
N LEU D 28 -19.41 -5.00 3.93
CA LEU D 28 -19.42 -3.64 3.42
C LEU D 28 -19.43 -2.61 4.54
N GLY D 29 -20.22 -2.89 5.57
CA GLY D 29 -20.32 -2.00 6.71
C GLY D 29 -19.01 -1.86 7.47
N ARG D 30 -18.30 -2.97 7.67
CA ARG D 30 -17.03 -2.92 8.37
C ARG D 30 -15.97 -2.25 7.50
N LEU D 31 -16.13 -2.37 6.18
CA LEU D 31 -15.20 -1.71 5.27
C LEU D 31 -15.31 -0.21 5.53
N LEU D 32 -16.55 0.30 5.54
CA LEU D 32 -16.80 1.73 5.75
C LEU D 32 -16.35 2.22 7.12
N VAL D 33 -16.39 1.35 8.12
CA VAL D 33 -15.98 1.76 9.45
C VAL D 33 -14.47 1.63 9.68
N VAL D 34 -13.86 0.56 9.17
CA VAL D 34 -12.42 0.36 9.36
C VAL D 34 -11.57 1.23 8.46
N TYR D 35 -12.05 1.44 7.23
CA TYR D 35 -11.34 2.24 6.24
C TYR D 35 -12.31 3.35 5.83
N PRO D 36 -12.44 4.37 6.67
CA PRO D 36 -13.31 5.53 6.49
C PRO D 36 -13.33 6.25 5.14
N TRP D 37 -12.18 6.35 4.47
CA TRP D 37 -12.17 7.05 3.17
C TRP D 37 -13.12 6.42 2.14
N THR D 38 -13.41 5.12 2.30
CA THR D 38 -14.29 4.43 1.36
C THR D 38 -15.73 4.93 1.48
N GLN D 39 -16.02 5.70 2.52
CA GLN D 39 -17.36 6.27 2.70
C GLN D 39 -17.65 7.27 1.59
N ARG D 40 -16.59 7.79 0.96
CA ARG D 40 -16.72 8.79 -0.08
C ARG D 40 -17.51 8.34 -1.30
N PHE D 41 -17.60 7.02 -1.49
CA PHE D 41 -18.33 6.46 -2.62
C PHE D 41 -19.78 6.16 -2.26
N PHE D 42 -20.22 6.53 -1.06
CA PHE D 42 -21.60 6.24 -0.67
C PHE D 42 -22.36 7.41 -0.06
N GLU D 43 -22.16 8.62 -0.58
CA GLU D 43 -22.87 9.76 -0.02
C GLU D 43 -24.38 9.63 -0.19
N SER D 44 -24.80 8.93 -1.24
CA SER D 44 -26.22 8.76 -1.48
C SER D 44 -26.87 7.70 -0.58
N PHE D 45 -26.09 7.13 0.33
CA PHE D 45 -26.62 6.08 1.21
C PHE D 45 -27.23 6.55 2.53
N GLY D 46 -26.95 7.78 2.92
CA GLY D 46 -27.51 8.28 4.17
C GLY D 46 -26.51 8.42 5.29
N ASP D 47 -27.01 8.35 6.51
CA ASP D 47 -26.19 8.50 7.70
C ASP D 47 -25.14 7.38 7.86
N LEU D 48 -23.89 7.79 7.97
CA LEU D 48 -22.77 6.86 8.15
C LEU D 48 -21.85 7.50 9.16
N SER D 49 -22.39 8.38 9.99
CA SER D 49 -21.59 9.12 10.98
C SER D 49 -20.98 8.33 12.13
N THR D 50 -21.63 7.24 12.55
CA THR D 50 -21.13 6.43 13.65
C THR D 50 -21.11 4.96 13.23
N PRO D 51 -20.39 4.12 13.98
CA PRO D 51 -20.38 2.70 13.58
C PRO D 51 -21.80 2.15 13.63
N ASP D 52 -22.61 2.63 14.57
CA ASP D 52 -23.98 2.13 14.68
C ASP D 52 -24.82 2.54 13.48
N ALA D 53 -24.59 3.74 12.99
CA ALA D 53 -25.32 4.23 11.82
C ALA D 53 -24.92 3.39 10.61
N VAL D 54 -23.63 3.15 10.46
CA VAL D 54 -23.12 2.36 9.34
C VAL D 54 -23.70 0.95 9.32
N MET D 55 -23.45 0.19 10.38
CA MET D 55 -23.92 -1.20 10.46
C MET D 55 -25.44 -1.31 10.38
N GLY D 56 -26.14 -0.27 10.82
CA GLY D 56 -27.60 -0.30 10.79
C GLY D 56 -28.23 0.36 9.57
N ASN D 57 -27.40 0.90 8.69
CA ASN D 57 -27.87 1.59 7.49
C ASN D 57 -28.52 0.61 6.49
N PRO D 58 -29.82 0.80 6.20
CA PRO D 58 -30.59 -0.04 5.27
C PRO D 58 -29.98 -0.17 3.88
N LYS D 59 -29.44 0.93 3.36
CA LYS D 59 -28.81 0.93 2.04
C LYS D 59 -27.55 0.07 2.07
N VAL D 60 -26.82 0.14 3.19
CA VAL D 60 -25.60 -0.64 3.36
C VAL D 60 -25.96 -2.12 3.43
N LYS D 61 -27.01 -2.45 4.17
CA LYS D 61 -27.46 -3.83 4.26
C LYS D 61 -27.96 -4.28 2.88
N ALA D 62 -28.83 -3.47 2.28
CA ALA D 62 -29.40 -3.79 0.98
C ALA D 62 -28.33 -3.97 -0.10
N HIS D 63 -27.37 -3.06 -0.13
CA HIS D 63 -26.31 -3.12 -1.12
C HIS D 63 -25.35 -4.28 -0.85
N GLY D 64 -25.10 -4.55 0.42
CA GLY D 64 -24.19 -5.61 0.79
C GLY D 64 -24.67 -6.96 0.30
N LYS D 65 -25.99 -7.09 0.15
CA LYS D 65 -26.58 -8.34 -0.32
C LYS D 65 -26.15 -8.52 -1.78
N LYS D 66 -26.19 -7.42 -2.54
CA LYS D 66 -25.78 -7.50 -3.95
C LYS D 66 -24.31 -7.93 -4.01
N VAL D 67 -23.48 -7.31 -3.16
CA VAL D 67 -22.05 -7.62 -3.10
C VAL D 67 -21.82 -9.10 -2.77
N LEU D 68 -22.51 -9.57 -1.74
CA LEU D 68 -22.39 -10.96 -1.32
C LEU D 68 -22.79 -11.86 -2.50
N GLY D 69 -23.71 -11.35 -3.32
CA GLY D 69 -24.18 -12.09 -4.47
C GLY D 69 -23.12 -12.24 -5.54
N ALA D 70 -22.36 -11.17 -5.76
CA ALA D 70 -21.29 -11.21 -6.75
C ALA D 70 -20.25 -12.25 -6.33
N PHE D 71 -20.04 -12.38 -5.02
CA PHE D 71 -19.10 -13.35 -4.49
C PHE D 71 -19.62 -14.77 -4.70
N SER D 72 -20.93 -14.97 -4.48
CA SER D 72 -21.54 -16.28 -4.66
C SER D 72 -21.35 -16.66 -6.12
N ASP D 73 -21.39 -15.67 -6.99
CA ASP D 73 -21.20 -15.90 -8.42
C ASP D 73 -19.79 -16.43 -8.61
N GLY D 74 -18.83 -15.72 -8.05
CA GLY D 74 -17.44 -16.12 -8.16
C GLY D 74 -17.20 -17.55 -7.72
N LEU D 75 -17.85 -17.95 -6.63
CA LEU D 75 -17.69 -19.30 -6.11
C LEU D 75 -18.14 -20.41 -7.07
N ALA D 76 -19.20 -20.13 -7.84
CA ALA D 76 -19.71 -21.11 -8.79
C ALA D 76 -18.93 -21.08 -10.11
N HIS D 77 -17.96 -20.17 -10.21
CA HIS D 77 -17.14 -20.03 -11.42
C HIS D 77 -15.70 -19.72 -11.07
N LEU D 78 -15.15 -20.45 -10.11
CA LEU D 78 -13.77 -20.24 -9.67
C LEU D 78 -12.74 -20.36 -10.78
N ASP D 79 -13.13 -20.98 -11.88
CA ASP D 79 -12.21 -21.17 -13.02
C ASP D 79 -12.27 -20.06 -14.05
N ASN D 80 -13.15 -19.08 -13.84
CA ASN D 80 -13.27 -17.96 -14.76
C ASN D 80 -13.72 -16.68 -14.03
N LEU D 81 -13.09 -16.42 -12.89
CA LEU D 81 -13.42 -15.25 -12.10
C LEU D 81 -13.25 -13.97 -12.91
N LYS D 82 -12.30 -13.96 -13.84
CA LYS D 82 -12.07 -12.77 -14.66
C LYS D 82 -13.31 -12.47 -15.48
N GLY D 83 -13.83 -13.49 -16.15
CA GLY D 83 -15.02 -13.29 -16.95
C GLY D 83 -16.19 -12.92 -16.06
N THR D 84 -16.41 -13.70 -15.02
CA THR D 84 -17.51 -13.46 -14.10
C THR D 84 -17.65 -12.01 -13.65
N PHE D 85 -16.53 -11.37 -13.30
CA PHE D 85 -16.53 -9.99 -12.81
C PHE D 85 -16.26 -8.89 -13.83
N ALA D 86 -16.09 -9.26 -15.10
CA ALA D 86 -15.82 -8.30 -16.17
C ALA D 86 -16.70 -7.05 -16.11
N THR D 87 -18.01 -7.28 -15.94
CA THR D 87 -18.95 -6.18 -15.86
C THR D 87 -18.70 -5.32 -14.62
N LEU D 88 -18.64 -5.96 -13.46
CA LEU D 88 -18.43 -5.23 -12.23
C LEU D 88 -17.10 -4.49 -12.25
N SER D 89 -16.15 -5.08 -12.94
CA SER D 89 -14.81 -4.50 -13.09
C SER D 89 -14.92 -3.17 -13.83
N GLU D 90 -15.73 -3.16 -14.89
CA GLU D 90 -15.94 -1.95 -15.68
C GLU D 90 -16.61 -0.87 -14.84
N LEU D 91 -17.58 -1.29 -14.04
CA LEU D 91 -18.31 -0.36 -13.16
C LEU D 91 -17.40 0.25 -12.11
N HIS D 92 -16.61 -0.59 -11.46
CA HIS D 92 -15.73 -0.12 -10.41
C HIS D 92 -14.50 0.66 -10.87
N CYS D 93 -13.87 0.19 -11.95
CA CYS D 93 -12.66 0.84 -12.48
C CYS D 93 -12.92 2.02 -13.41
N ASP D 94 -13.65 1.79 -14.49
CA ASP D 94 -13.91 2.84 -15.46
C ASP D 94 -15.00 3.85 -15.08
N LYS D 95 -15.95 3.44 -14.26
CA LYS D 95 -17.03 4.34 -13.89
C LYS D 95 -16.85 5.00 -12.53
N LEU D 96 -16.56 4.20 -11.51
CA LEU D 96 -16.39 4.74 -10.16
C LEU D 96 -14.96 5.09 -9.79
N HIS D 97 -14.00 4.55 -10.52
CA HIS D 97 -12.59 4.83 -10.24
C HIS D 97 -12.18 4.44 -8.83
N VAL D 98 -12.69 3.30 -8.38
CA VAL D 98 -12.36 2.78 -7.06
C VAL D 98 -10.97 2.14 -7.14
N ASP D 99 -9.99 2.71 -6.46
CA ASP D 99 -8.64 2.17 -6.48
C ASP D 99 -8.63 0.66 -6.16
N PRO D 100 -7.93 -0.13 -6.99
CA PRO D 100 -7.83 -1.59 -6.82
C PRO D 100 -7.57 -2.07 -5.37
N GLU D 101 -6.73 -1.33 -4.66
CA GLU D 101 -6.39 -1.69 -3.27
C GLU D 101 -7.60 -1.91 -2.36
N ASN D 102 -8.70 -1.20 -2.60
CA ASN D 102 -9.86 -1.38 -1.75
C ASN D 102 -10.60 -2.70 -1.98
N PHE D 103 -10.48 -3.28 -3.17
CA PHE D 103 -11.13 -4.57 -3.42
C PHE D 103 -10.44 -5.57 -2.50
N ARG D 104 -9.14 -5.41 -2.36
CA ARG D 104 -8.36 -6.30 -1.52
C ARG D 104 -8.78 -6.12 -0.07
N LEU D 105 -9.01 -4.88 0.34
CA LEU D 105 -9.40 -4.61 1.71
C LEU D 105 -10.80 -5.18 2.01
N LEU D 106 -11.75 -4.97 1.11
CA LEU D 106 -13.09 -5.50 1.34
C LEU D 106 -13.02 -7.01 1.42
N GLY D 107 -12.14 -7.60 0.63
CA GLY D 107 -11.99 -9.05 0.61
C GLY D 107 -11.49 -9.59 1.92
N ASN D 108 -10.54 -8.90 2.54
CA ASN D 108 -10.03 -9.37 3.82
C ASN D 108 -11.05 -9.10 4.91
N VAL D 109 -11.77 -8.01 4.79
CA VAL D 109 -12.80 -7.69 5.77
C VAL D 109 -13.84 -8.82 5.71
N LEU D 110 -14.18 -9.26 4.50
CA LEU D 110 -15.13 -10.35 4.37
C LEU D 110 -14.61 -11.55 5.16
N VAL D 111 -13.34 -11.89 4.93
CA VAL D 111 -12.71 -13.00 5.62
C VAL D 111 -12.84 -12.84 7.13
N CYS D 112 -12.65 -11.62 7.63
CA CYS D 112 -12.77 -11.35 9.05
C CYS D 112 -14.21 -11.65 9.45
N VAL D 113 -15.17 -11.17 8.65
CA VAL D 113 -16.56 -11.40 8.97
C VAL D 113 -16.84 -12.91 9.07
N LEU D 114 -16.35 -13.67 8.09
CA LEU D 114 -16.53 -15.11 8.08
C LEU D 114 -15.98 -15.72 9.38
N ALA D 115 -14.82 -15.27 9.79
CA ALA D 115 -14.22 -15.79 11.02
C ALA D 115 -15.08 -15.44 12.21
N HIS D 116 -15.72 -14.27 12.15
CA HIS D 116 -16.57 -13.81 13.25
C HIS D 116 -17.79 -14.71 13.43
N HIS D 117 -18.35 -15.19 12.32
CA HIS D 117 -19.55 -16.04 12.35
C HIS D 117 -19.29 -17.52 12.66
N PHE D 118 -18.23 -18.06 12.10
CA PHE D 118 -17.91 -19.47 12.30
C PHE D 118 -16.93 -19.80 13.43
N GLY D 119 -16.27 -18.78 13.97
CA GLY D 119 -15.34 -19.01 15.05
C GLY D 119 -14.30 -20.08 14.77
N LYS D 120 -14.20 -21.04 15.68
CA LYS D 120 -13.23 -22.12 15.54
C LYS D 120 -13.41 -22.90 14.25
N GLU D 121 -14.61 -22.86 13.70
CA GLU D 121 -14.91 -23.56 12.47
C GLU D 121 -14.05 -22.99 11.32
N PHE D 122 -13.69 -21.71 11.42
CA PHE D 122 -12.89 -21.08 10.38
C PHE D 122 -11.40 -21.40 10.58
N THR D 123 -11.08 -22.67 10.38
CA THR D 123 -9.72 -23.17 10.55
C THR D 123 -8.71 -22.52 9.62
N PRO D 124 -7.43 -22.54 10.00
CA PRO D 124 -6.41 -21.95 9.16
C PRO D 124 -6.51 -22.50 7.74
N PRO D 125 -6.71 -23.83 7.60
CA PRO D 125 -6.82 -24.38 6.25
C PRO D 125 -8.01 -23.77 5.51
N VAL D 126 -9.13 -23.62 6.22
CA VAL D 126 -10.33 -23.04 5.61
C VAL D 126 -10.07 -21.61 5.16
N GLN D 127 -9.36 -20.84 5.99
CA GLN D 127 -9.06 -19.47 5.64
C GLN D 127 -8.14 -19.44 4.43
N ALA D 128 -7.10 -20.27 4.48
CA ALA D 128 -6.14 -20.34 3.39
C ALA D 128 -6.84 -20.52 2.04
N ALA D 129 -7.89 -21.35 2.03
CA ALA D 129 -8.64 -21.59 0.80
C ALA D 129 -9.40 -20.32 0.41
N TYR D 130 -9.95 -19.65 1.42
CA TYR D 130 -10.70 -18.43 1.18
C TYR D 130 -9.83 -17.25 0.78
N GLN D 131 -8.56 -17.24 1.17
CA GLN D 131 -7.69 -16.13 0.79
C GLN D 131 -7.46 -16.23 -0.73
N LYS D 132 -7.46 -17.45 -1.23
CA LYS D 132 -7.28 -17.67 -2.67
C LYS D 132 -8.49 -17.13 -3.41
N VAL D 133 -9.68 -17.40 -2.88
CA VAL D 133 -10.90 -16.93 -3.52
C VAL D 133 -11.03 -15.39 -3.53
N VAL D 134 -10.70 -14.72 -2.42
CA VAL D 134 -10.83 -13.26 -2.38
C VAL D 134 -9.75 -12.55 -3.17
N ALA D 135 -8.58 -13.15 -3.29
CA ALA D 135 -7.50 -12.55 -4.08
C ALA D 135 -7.95 -12.64 -5.54
N GLY D 136 -8.56 -13.77 -5.89
CA GLY D 136 -9.05 -13.96 -7.25
C GLY D 136 -10.08 -12.91 -7.60
N VAL D 137 -11.13 -12.81 -6.78
CA VAL D 137 -12.17 -11.82 -7.03
C VAL D 137 -11.55 -10.42 -7.14
N ALA D 138 -10.70 -10.08 -6.18
CA ALA D 138 -10.04 -8.77 -6.17
C ALA D 138 -9.24 -8.54 -7.46
N ASN D 139 -8.41 -9.51 -7.83
CA ASN D 139 -7.63 -9.38 -9.05
C ASN D 139 -8.54 -9.31 -10.26
N ALA D 140 -9.67 -9.99 -10.18
CA ALA D 140 -10.63 -9.99 -11.28
C ALA D 140 -11.32 -8.63 -11.41
N LEU D 141 -11.72 -8.06 -10.28
CA LEU D 141 -12.40 -6.78 -10.28
C LEU D 141 -11.52 -5.65 -10.74
N ALA D 142 -10.21 -5.84 -10.62
CA ALA D 142 -9.27 -4.82 -11.02
C ALA D 142 -8.68 -5.10 -12.40
N HIS D 143 -9.10 -6.20 -13.01
CA HIS D 143 -8.59 -6.59 -14.32
C HIS D 143 -8.61 -5.45 -15.34
N LYS D 144 -9.50 -4.47 -15.16
CA LYS D 144 -9.56 -3.34 -16.08
C LYS D 144 -8.32 -2.47 -15.87
N TYR D 145 -7.27 -3.09 -15.35
CA TYR D 145 -6.00 -2.44 -15.10
C TYR D 145 -4.90 -3.41 -15.55
N HIS D 146 -4.94 -3.76 -16.85
CA HIS D 146 -3.98 -4.68 -17.46
C HIS D 146 -3.69 -4.31 -18.92
O1 OXY E . -4.03 19.32 -1.51
O2 OXY E . -4.05 19.70 -2.69
CHA HEM F . -6.90 21.41 0.56
CHB HEM F . -2.28 20.33 1.86
CHC HEM F . -2.67 16.02 -0.42
CHD HEM F . -7.13 17.23 -1.90
C1A HEM F . -5.60 21.50 1.14
C2A HEM F . -5.03 22.68 1.79
C3A HEM F . -3.77 22.39 2.16
C4A HEM F . -3.50 21.02 1.67
CMA HEM F . -2.81 23.31 2.91
CAA HEM F . -5.63 24.06 1.90
CBA HEM F . -6.80 24.13 2.85
CGA HEM F . -7.08 25.55 3.27
O1A HEM F . -7.98 25.76 4.13
O2A HEM F . -6.41 26.48 2.76
C1B HEM F . -1.98 19.05 1.39
C2B HEM F . -0.71 18.38 1.58
C3B HEM F . -0.78 17.15 0.96
C4B HEM F . -2.15 17.07 0.38
CMB HEM F . 0.48 19.00 2.33
CAB HEM F . 0.19 16.12 0.88
CBB HEM F . 1.63 16.28 0.94
C1C HEM F . -3.93 15.98 -1.05
C2C HEM F . -4.40 14.90 -1.94
C3C HEM F . -5.64 15.28 -2.39
C4C HEM F . -5.94 16.54 -1.74
CMC HEM F . -3.66 13.60 -2.27
CAC HEM F . -6.49 14.62 -3.30
CBC HEM F . -6.09 13.92 -4.49
C1D HEM F . -7.41 18.48 -1.41
C2D HEM F . -8.66 19.15 -1.65
C3D HEM F . -8.62 20.30 -0.93
C4D HEM F . -7.33 20.37 -0.26
CMD HEM F . -9.78 18.70 -2.60
CAD HEM F . -9.75 21.32 -0.92
CBD HEM F . -9.73 22.28 -2.10
CGD HEM F . -11.05 23.03 -2.24
O1D HEM F . -12.09 22.37 -2.50
O2D HEM F . -11.06 24.27 -2.09
NA HEM F . -4.62 20.50 1.04
NB HEM F . -2.87 18.24 0.66
NC HEM F . -4.88 16.98 -0.94
ND HEM F . -6.58 19.24 -0.58
FE HEM F . -4.76 18.71 0.14
C1 B78 G . 8.23 7.06 9.25
C2 B78 G . 7.04 6.64 8.41
C3 B78 G . 5.70 7.09 8.69
C4 B78 G . 4.63 6.64 7.85
C5 B78 G . 4.87 5.73 6.77
C6 B78 G . 6.20 5.29 6.51
C7 B78 G . 7.28 5.75 7.34
O8 B78 G . 3.80 5.30 5.96
C9 B78 G . 2.89 4.35 6.54
O10 B78 G . 5.50 7.97 9.77
C11 B78 G . 4.24 7.90 10.47
C12 B78 G . 4.13 9.05 11.47
C13 B78 G . 5.01 10.16 11.41
C14 B78 G . 4.88 11.19 12.37
N15 B78 G . 3.89 11.14 13.33
C16 B78 G . 3.01 10.08 13.41
C17 B78 G . 3.11 9.02 12.48
O1 OXY H . 15.17 -6.23 -11.57
O2 OXY H . 15.70 -5.33 -10.97
CHA HEM I . 16.09 -9.93 -12.65
CHB HEM I . 13.67 -6.50 -15.14
CHC HEM I . 11.63 -5.00 -10.98
CHD HEM I . 14.27 -8.21 -8.50
C1A HEM I . 15.64 -9.10 -13.70
C2A HEM I . 16.15 -9.12 -15.04
C3A HEM I . 15.53 -8.14 -15.75
C4A HEM I . 14.59 -7.51 -14.82
CMA HEM I . 15.88 -7.75 -17.18
CAA HEM I . 17.20 -10.08 -15.54
CBA HEM I . 16.72 -10.99 -16.65
CGA HEM I . 17.46 -12.31 -16.68
O1A HEM I . 17.13 -13.18 -15.83
O2A HEM I . 18.38 -12.47 -17.51
C1B HEM I . 12.80 -5.86 -14.22
C2B HEM I . 11.86 -4.77 -14.55
C3B HEM I . 11.24 -4.42 -13.39
C4B HEM I . 11.88 -5.18 -12.34
CMB HEM I . 11.66 -4.09 -15.90
CAB HEM I . 10.07 -3.68 -13.28
CBB HEM I . 10.07 -2.26 -13.14
C1C HEM I . 12.19 -5.74 -9.93
C2C HEM I . 11.85 -5.52 -8.52
C3C HEM I . 12.55 -6.50 -7.83
C4C HEM I . 13.34 -7.22 -8.81
CMC HEM I . 10.92 -4.43 -7.98
CAC HEM I . 12.48 -6.83 -6.49
CBC HEM I . 12.60 -5.86 -5.42
C1D HEM I . 15.03 -8.93 -9.41
C2D HEM I . 15.92 -10.01 -9.02
C3D HEM I . 16.41 -10.53 -10.17
C4D HEM I . 15.80 -9.77 -11.29
CMD HEM I . 16.26 -10.51 -7.61
CAD HEM I . 17.48 -11.60 -10.12
CBD HEM I . 18.84 -10.94 -10.16
CGD HEM I . 19.94 -11.81 -9.58
O1D HEM I . 19.98 -11.99 -8.35
O2D HEM I . 20.77 -12.32 -10.36
NA HEM I . 14.72 -8.07 -13.56
NB HEM I . 12.77 -6.10 -12.86
NC HEM I . 13.07 -6.77 -10.10
ND HEM I . 14.95 -8.79 -10.79
FE HEM I . 13.81 -7.48 -11.85
O1 OXY J . 7.79 -12.03 14.26
O2 OXY J . 6.92 -12.88 14.10
CHA HEM K . 11.45 -12.01 15.39
CHB HEM K . 7.76 -9.24 16.89
CHC HEM K . 6.08 -9.07 12.37
CHD HEM K . 9.68 -11.92 10.83
C1A HEM K . 10.55 -11.32 16.20
C2A HEM K . 10.60 -11.29 17.63
C3A HEM K . 9.58 -10.51 18.06
C4A HEM K . 8.90 -10.06 16.88
CMA HEM K . 9.15 -10.32 19.51
CAA HEM K . 11.64 -11.99 18.48
CBA HEM K . 12.74 -10.99 18.75
CGA HEM K . 13.97 -11.64 19.36
O1A HEM K . 14.65 -12.41 18.64
O2A HEM K . 14.24 -11.38 20.55
C1B HEM K . 6.99 -8.92 15.78
C2B HEM K . 5.80 -8.10 15.83
C3B HEM K . 5.35 -8.02 14.55
C4B HEM K . 6.23 -8.84 13.73
CMB HEM K . 5.15 -7.42 17.05
CAB HEM K . 4.29 -7.23 14.10
CBB HEM K . 2.92 -7.44 14.49
C1C HEM K . 6.88 -9.87 11.54
C2C HEM K . 6.64 -10.10 10.13
C3C HEM K . 7.66 -10.94 9.71
C4C HEM K . 8.52 -11.17 10.84
CMC HEM K . 5.52 -9.49 9.30
CAC HEM K . 7.84 -11.50 8.45
CBC HEM K . 6.84 -12.26 7.80
C1D HEM K . 10.49 -12.17 11.95
C2D HEM K . 11.66 -13.03 11.93
C3D HEM K . 12.18 -13.01 13.20
C4D HEM K . 11.32 -12.18 14.01
CMD HEM K . 12.22 -13.80 10.75
CAD HEM K . 13.43 -13.71 13.69
CBD HEM K . 13.19 -15.19 13.93
CGD HEM K . 14.39 -15.88 14.56
O1D HEM K . 15.47 -15.92 13.92
O2D HEM K . 14.25 -16.37 15.70
NA HEM K . 9.46 -10.61 15.73
NB HEM K . 7.24 -9.38 14.50
NC HEM K . 8.03 -10.52 11.97
ND HEM K . 10.27 -11.67 13.24
FE HEM K . 8.78 -10.49 13.84
C1 B78 L . -1.89 5.95 12.80
C2 B78 L . -1.35 5.24 11.57
C3 B78 L . 0.07 5.08 11.31
C4 B78 L . 0.48 4.38 10.11
C5 B78 L . -0.49 3.85 9.20
C6 B78 L . -1.87 4.02 9.47
C7 B78 L . -2.29 4.70 10.65
O8 B78 L . -0.08 3.19 8.03
C9 B78 L . 0.43 1.85 8.21
O10 B78 L . 1.01 5.61 12.24
C11 B78 L . 2.21 4.86 12.50
C12 B78 L . 3.00 5.50 13.65
C13 B78 L . 4.24 6.15 13.41
C14 B78 L . 4.95 6.75 14.48
N15 B78 L . 4.43 6.70 15.75
C16 B78 L . 3.22 6.07 16.02
C17 B78 L . 2.48 5.45 14.98
O1 OXY M . -19.58 -2.50 -3.60
O2 OXY M . -19.49 -2.16 -2.40
CHA HEM N . -21.65 -1.36 -6.85
CHB HEM N . -19.75 -5.72 -5.92
CHC HEM N . -15.94 -3.59 -3.88
CHD HEM N . -18.05 0.73 -4.36
C1A HEM N . -21.48 -2.74 -6.74
C2A HEM N . -22.44 -3.73 -7.19
C3A HEM N . -21.93 -4.95 -6.87
C4A HEM N . -20.68 -4.73 -6.20
CMA HEM N . -22.62 -6.27 -7.20
CAA HEM N . -23.84 -3.51 -7.69
CBA HEM N . -23.94 -3.31 -9.18
CGA HEM N . -25.40 -3.31 -9.67
O1A HEM N . -25.61 -3.14 -10.90
O2A HEM N . -26.31 -3.48 -8.84
C1B HEM N . -18.46 -5.50 -5.44
C2B HEM N . -17.53 -6.55 -5.11
C3B HEM N . -16.47 -5.97 -4.51
C4B HEM N . -16.73 -4.53 -4.51
CMB HEM N . -17.68 -8.04 -5.39
CAB HEM N . -15.47 -6.69 -3.88
CBB HEM N . -14.06 -6.44 -4.08
C1C HEM N . -16.21 -2.22 -3.74
C2C HEM N . -15.32 -1.25 -3.08
C3C HEM N . -15.88 -0.02 -3.27
C4C HEM N . -17.15 -0.24 -3.99
CMC HEM N . -14.05 -1.55 -2.29
CAC HEM N . -15.31 1.20 -2.90
CBC HEM N . -15.02 1.58 -1.52
C1D HEM N . -19.21 0.55 -5.14
C2D HEM N . -20.17 1.61 -5.48
C3D HEM N . -21.22 1.02 -6.08
C4D HEM N . -20.84 -0.40 -6.26
CMD HEM N . -19.99 3.10 -5.17
CAD HEM N . -22.66 1.53 -6.03
CBD HEM N . -22.94 2.96 -6.41
CGD HEM N . -24.32 3.41 -5.96
O1D HEM N . -25.25 2.58 -5.99
O2D HEM N . -24.46 4.60 -5.60
NA HEM N . -20.42 -3.37 -6.09
NB HEM N . -17.96 -4.26 -5.07
NC HEM N . -17.32 -1.59 -4.28
ND HEM N . -19.66 -0.69 -5.61
FE HEM N . -18.83 -2.48 -5.28
S SO4 O . -9.61 -16.33 -13.38
O1 SO4 O . -10.31 -16.34 -14.68
O2 SO4 O . -10.30 -17.25 -12.45
O3 SO4 O . -9.62 -14.96 -12.83
O4 SO4 O . -8.22 -16.77 -13.57
#